data_2YXW
#
_entry.id   2YXW
#
_cell.length_a   50.326
_cell.length_b   51.573
_cell.length_c   86.698
_cell.angle_alpha   83.77
_cell.angle_beta   90.38
_cell.angle_gamma   67.14
#
_symmetry.space_group_name_H-M   'P 1'
#
loop_
_entity.id
_entity.type
_entity.pdbx_description
1 polymer 'Blue copper oxidase cueO'
2 non-polymer 'COPPER (II) ION'
3 non-polymer 'NITRATE ION'
4 non-polymer 'CU-O-CU LINKAGE'
5 water water
#
_entity_poly.entity_id   1
_entity_poly.type   'polypeptide(L)'
_entity_poly.pdbx_seq_one_letter_code
;AERPTLPIPDLLTTDARNRIQLTIGAGQSTFGGKTATTWGYNGNLLGPAVKLQRGKAVTVDIYNQLTEETTLHWHGLEVP
GEVDGGPQGIIPPGGKRSVTLNVDQPAATCWFHPHQHGKTGRQVAMGLAGLVVIEDDEILKLMLPKQWGIDDVPVIVQDK
KFSADGQIDYQLDVMTAAVGWFGDTLLTNGAIYPQHAAPRGWLRLRLLNGCNARSLNFATSDNRPLYVIASDGGLLPEPV
KVSELPVLMGERFEVLVEVNDNKPFDLVTLPVSQMGMAIAPFDKPHPVMRIQPIAISASGALPDTLSSLPALPSLEGLTV
RKLQLSMDGGANKINGQAFDMNKPMFAAAKGQYERWVISGVGDMMLHPFHIHGTQFRILSENGKPPAAHRAGWKDTVKVE
GNVSEVLVKFNHDAPKEHAYMAHCHLLEHEDTGMMLGFTVGHHHHH
;
_entity_poly.pdbx_strand_id   A,B
#
loop_
_chem_comp.id
_chem_comp.type
_chem_comp.name
_chem_comp.formula
C2O non-polymer 'CU-O-CU LINKAGE' 'Cu2 O'
CU non-polymer 'COPPER (II) ION' 'Cu 2'
NO3 non-polymer 'NITRATE ION' 'N O3 -1'
#
# COMPACT_ATOMS: atom_id res chain seq x y z
N ARG A 3 8.86 -11.34 -24.03
CA ARG A 3 8.93 -12.39 -25.07
C ARG A 3 7.87 -12.23 -26.15
N PRO A 4 6.57 -12.08 -25.78
CA PRO A 4 5.62 -11.89 -26.87
C PRO A 4 5.85 -10.53 -27.49
N THR A 5 5.53 -10.38 -28.77
CA THR A 5 5.70 -9.08 -29.39
C THR A 5 4.58 -8.17 -28.88
N LEU A 6 4.90 -6.90 -28.79
CA LEU A 6 3.94 -5.90 -28.35
C LEU A 6 2.79 -5.84 -29.36
N PRO A 7 1.56 -6.13 -28.92
CA PRO A 7 0.40 -5.96 -29.81
C PRO A 7 0.25 -4.50 -30.24
N ILE A 8 -0.11 -4.26 -31.50
CA ILE A 8 -0.29 -2.91 -32.02
C ILE A 8 -1.76 -2.75 -32.39
N PRO A 9 -2.48 -1.87 -31.67
CA PRO A 9 -3.86 -1.58 -32.10
C PRO A 9 -3.91 -1.12 -33.56
N ASP A 10 -4.93 -1.59 -34.29
CA ASP A 10 -5.14 -1.18 -35.66
C ASP A 10 -5.39 0.31 -35.72
N LEU A 11 -4.75 1.00 -36.65
CA LEU A 11 -4.99 2.41 -36.91
C LEU A 11 -6.18 2.51 -37.86
N LEU A 12 -7.35 2.81 -37.30
CA LEU A 12 -8.65 2.68 -37.97
C LEU A 12 -9.11 4.03 -38.49
N THR A 13 -9.23 4.14 -39.81
CA THR A 13 -9.65 5.38 -40.45
C THR A 13 -11.02 5.18 -41.07
N THR A 14 -11.57 6.27 -41.59
CA THR A 14 -12.86 6.20 -42.24
C THR A 14 -12.85 5.36 -43.49
N ASP A 15 -14.03 4.85 -43.83
CA ASP A 15 -14.22 4.17 -45.09
C ASP A 15 -14.65 5.21 -46.13
N ALA A 16 -14.99 4.76 -47.34
CA ALA A 16 -15.38 5.67 -48.41
C ALA A 16 -16.67 6.44 -48.09
N ARG A 17 -17.51 5.87 -47.24
CA ARG A 17 -18.74 6.52 -46.78
C ARG A 17 -18.49 7.46 -45.60
N ASN A 18 -17.24 7.63 -45.20
CA ASN A 18 -16.89 8.52 -44.10
C ASN A 18 -17.39 8.00 -42.74
N ARG A 19 -17.37 6.68 -42.60
CA ARG A 19 -17.88 6.01 -41.42
C ARG A 19 -16.81 5.13 -40.82
N ILE A 20 -16.90 4.95 -39.51
CA ILE A 20 -16.03 4.04 -38.78
C ILE A 20 -16.94 3.13 -37.96
N GLN A 21 -16.65 1.83 -37.95
CA GLN A 21 -17.46 0.86 -37.23
C GLN A 21 -16.71 0.38 -36.01
N LEU A 22 -17.35 0.44 -34.85
CA LEU A 22 -16.83 -0.13 -33.60
C LEU A 22 -17.83 -1.11 -33.04
N THR A 23 -17.39 -2.35 -32.85
CA THR A 23 -18.24 -3.37 -32.25
C THR A 23 -17.70 -3.71 -30.87
N ILE A 24 -18.56 -3.63 -29.86
CA ILE A 24 -18.18 -3.89 -28.47
C ILE A 24 -18.60 -5.33 -28.18
N GLY A 25 -17.68 -6.16 -27.70
CA GLY A 25 -18.02 -7.56 -27.48
C GLY A 25 -17.15 -8.32 -26.51
N ALA A 26 -17.62 -9.50 -26.13
CA ALA A 26 -16.90 -10.36 -25.22
C ALA A 26 -16.27 -11.51 -25.98
N GLY A 27 -15.05 -11.86 -25.59
CA GLY A 27 -14.35 -13.00 -26.13
C GLY A 27 -13.38 -13.52 -25.11
N GLN A 28 -12.26 -14.06 -25.59
CA GLN A 28 -11.27 -14.71 -24.73
C GLN A 28 -9.88 -14.18 -25.01
N SER A 29 -9.11 -14.00 -23.95
CA SER A 29 -7.69 -13.70 -24.05
C SER A 29 -6.94 -14.70 -23.18
N THR A 30 -5.63 -14.76 -23.40
CA THR A 30 -4.76 -15.61 -22.62
C THR A 30 -3.70 -14.77 -21.92
N PHE A 31 -3.54 -15.00 -20.62
CA PHE A 31 -2.53 -14.32 -19.81
C PHE A 31 -1.76 -15.37 -19.04
N GLY A 32 -0.44 -15.37 -19.20
CA GLY A 32 0.41 -16.37 -18.55
C GLY A 32 -0.12 -17.76 -18.78
N GLY A 33 -0.52 -18.05 -20.02
CA GLY A 33 -1.00 -19.39 -20.37
C GLY A 33 -2.37 -19.79 -19.84
N LYS A 34 -3.07 -18.85 -19.19
CA LYS A 34 -4.40 -19.11 -18.64
C LYS A 34 -5.41 -18.21 -19.36
N THR A 35 -6.48 -18.80 -19.90
CA THR A 35 -7.49 -18.05 -20.63
C THR A 35 -8.42 -17.30 -19.68
N ALA A 36 -8.94 -16.17 -20.16
CA ALA A 36 -9.90 -15.38 -19.40
C ALA A 36 -10.91 -14.75 -20.34
N THR A 37 -12.15 -14.62 -19.87
CA THR A 37 -13.15 -13.81 -20.57
C THR A 37 -12.72 -12.35 -20.49
N THR A 38 -12.63 -11.70 -21.64
CA THR A 38 -12.31 -10.30 -21.73
C THR A 38 -13.27 -9.63 -22.70
N TRP A 39 -13.30 -8.30 -22.66
CA TRP A 39 -14.12 -7.52 -23.59
C TRP A 39 -13.22 -6.60 -24.41
N GLY A 40 -13.62 -6.35 -25.65
CA GLY A 40 -12.87 -5.47 -26.53
C GLY A 40 -13.73 -4.75 -27.55
N TYR A 41 -13.14 -3.72 -28.15
CA TYR A 41 -13.72 -3.03 -29.30
C TYR A 41 -13.04 -3.62 -30.54
N ASN A 42 -13.84 -4.09 -31.52
CA ASN A 42 -13.28 -4.72 -32.72
C ASN A 42 -12.24 -5.80 -32.37
N GLY A 43 -12.58 -6.63 -31.40
CA GLY A 43 -11.67 -7.65 -30.92
C GLY A 43 -12.00 -8.05 -29.51
N ASN A 44 -11.16 -8.91 -28.96
CA ASN A 44 -11.44 -9.56 -27.67
C ASN A 44 -10.99 -8.75 -26.46
N LEU A 45 -10.12 -7.79 -26.69
CA LEU A 45 -9.48 -7.06 -25.60
C LEU A 45 -9.04 -5.69 -26.12
N LEU A 46 -9.16 -4.64 -25.30
CA LEU A 46 -8.73 -3.32 -25.71
C LEU A 46 -9.46 -2.88 -26.98
N GLY A 47 -8.79 -2.29 -27.95
CA GLY A 47 -9.47 -1.65 -29.07
C GLY A 47 -8.52 -1.04 -30.05
N PRO A 48 -9.04 -0.54 -31.17
CA PRO A 48 -8.21 0.12 -32.17
C PRO A 48 -7.88 1.53 -31.77
N ALA A 49 -7.00 2.15 -32.55
CA ALA A 49 -6.71 3.58 -32.49
C ALA A 49 -7.50 4.21 -33.62
N VAL A 50 -8.56 4.91 -33.26
CA VAL A 50 -9.36 5.66 -34.21
C VAL A 50 -8.63 6.90 -34.65
N LYS A 51 -8.37 7.05 -35.94
CA LYS A 51 -7.62 8.16 -36.47
C LYS A 51 -8.52 9.22 -37.10
N LEU A 52 -8.39 10.44 -36.57
CA LEU A 52 -9.23 11.58 -36.97
C LEU A 52 -8.33 12.72 -37.45
N GLN A 53 -8.90 13.54 -38.33
CA GLN A 53 -8.23 14.73 -38.84
C GLN A 53 -8.97 15.94 -38.36
N ARG A 54 -8.26 16.92 -37.81
CA ARG A 54 -8.92 18.15 -37.38
C ARG A 54 -9.71 18.73 -38.54
N GLY A 55 -10.96 19.09 -38.26
CA GLY A 55 -11.81 19.77 -39.24
C GLY A 55 -12.55 18.88 -40.22
N LYS A 56 -12.33 17.57 -40.12
CA LYS A 56 -13.01 16.61 -40.99
C LYS A 56 -13.98 15.77 -40.18
N ALA A 57 -15.28 16.00 -40.39
CA ALA A 57 -16.29 15.25 -39.65
C ALA A 57 -16.34 13.77 -40.07
N VAL A 58 -16.56 12.89 -39.11
CA VAL A 58 -16.77 11.49 -39.40
C VAL A 58 -17.92 10.97 -38.58
N THR A 59 -18.51 9.87 -39.02
CA THR A 59 -19.57 9.23 -38.26
C THR A 59 -19.10 7.88 -37.74
N VAL A 60 -19.33 7.64 -36.46
CA VAL A 60 -18.91 6.39 -35.84
C VAL A 60 -20.14 5.58 -35.50
N ASP A 61 -20.25 4.38 -36.08
CA ASP A 61 -21.33 3.47 -35.82
C ASP A 61 -20.90 2.49 -34.75
N ILE A 62 -21.60 2.51 -33.61
CA ILE A 62 -21.21 1.73 -32.44
C ILE A 62 -22.23 0.62 -32.19
N TYR A 63 -21.77 -0.63 -32.23
CA TYR A 63 -22.62 -1.81 -32.03
C TYR A 63 -22.28 -2.48 -30.73
N ASN A 64 -23.23 -2.46 -29.78
CA ASN A 64 -23.02 -3.09 -28.48
C ASN A 64 -23.43 -4.54 -28.53
N GLN A 65 -22.47 -5.44 -28.59
CA GLN A 65 -22.74 -6.87 -28.57
C GLN A 65 -22.46 -7.51 -27.22
N LEU A 66 -22.32 -6.69 -26.18
CA LEU A 66 -22.39 -7.20 -24.81
C LEU A 66 -23.82 -7.56 -24.42
N THR A 67 -23.93 -8.31 -23.33
CA THR A 67 -25.24 -8.63 -22.79
C THR A 67 -25.66 -7.62 -21.71
N GLU A 68 -24.86 -6.59 -21.48
CA GLU A 68 -25.26 -5.49 -20.62
C GLU A 68 -25.01 -4.17 -21.35
N GLU A 69 -25.67 -3.13 -20.89
CA GLU A 69 -25.55 -1.83 -21.56
C GLU A 69 -24.19 -1.21 -21.29
N THR A 70 -23.82 -0.30 -22.17
CA THR A 70 -22.57 0.39 -22.01
C THR A 70 -22.71 1.79 -22.62
N THR A 71 -21.68 2.60 -22.46
CA THR A 71 -21.60 3.89 -23.14
C THR A 71 -20.20 3.99 -23.74
N LEU A 72 -20.00 4.93 -24.66
CA LEU A 72 -18.67 5.13 -25.25
C LEU A 72 -18.33 6.61 -25.20
N HIS A 73 -17.36 6.89 -24.33
CA HIS A 73 -16.88 8.24 -24.04
C HIS A 73 -15.53 8.46 -24.72
N TRP A 74 -15.34 9.61 -25.35
CA TRP A 74 -14.10 9.97 -26.01
C TRP A 74 -13.34 10.89 -25.09
N HIS A 75 -12.52 10.31 -24.25
CA HIS A 75 -11.77 11.03 -23.24
C HIS A 75 -10.74 11.94 -23.86
N GLY A 76 -10.86 13.25 -23.64
CA GLY A 76 -9.99 14.25 -24.22
C GLY A 76 -10.55 15.00 -25.40
N LEU A 77 -11.62 14.51 -25.98
CA LEU A 77 -12.21 15.16 -27.14
C LEU A 77 -13.13 16.28 -26.74
N GLU A 78 -12.98 17.40 -27.46
CA GLU A 78 -13.84 18.56 -27.27
C GLU A 78 -15.01 18.40 -28.21
N VAL A 79 -16.06 17.79 -27.73
CA VAL A 79 -17.26 17.52 -28.53
C VAL A 79 -18.51 17.88 -27.72
N PRO A 80 -19.60 18.17 -28.39
CA PRO A 80 -20.84 18.48 -27.65
C PRO A 80 -21.25 17.38 -26.71
N GLY A 81 -21.91 17.73 -25.62
CA GLY A 81 -22.47 16.74 -24.69
C GLY A 81 -23.24 15.62 -25.36
N GLU A 82 -23.97 15.95 -26.42
CA GLU A 82 -24.77 14.97 -27.14
C GLU A 82 -24.01 13.69 -27.52
N VAL A 83 -22.75 13.85 -27.90
CA VAL A 83 -21.94 12.70 -28.34
C VAL A 83 -20.77 12.37 -27.39
N ASP A 84 -20.77 12.97 -26.20
CA ASP A 84 -19.71 12.79 -25.21
C ASP A 84 -19.69 11.36 -24.62
N GLY A 85 -20.82 10.68 -24.64
CA GLY A 85 -20.90 9.33 -24.11
C GLY A 85 -20.58 9.15 -22.64
N GLY A 86 -20.96 10.15 -21.83
CA GLY A 86 -21.04 9.97 -20.38
C GLY A 86 -22.17 9.01 -20.01
N PRO A 87 -22.51 8.91 -18.70
CA PRO A 87 -23.43 7.89 -18.24
C PRO A 87 -24.83 7.96 -18.85
N GLN A 88 -25.26 9.12 -19.35
CA GLN A 88 -26.55 9.23 -20.01
C GLN A 88 -26.56 8.64 -21.42
N GLY A 89 -25.38 8.46 -22.03
CA GLY A 89 -25.26 7.96 -23.41
C GLY A 89 -25.44 6.46 -23.59
N ILE A 90 -26.51 5.91 -23.04
CA ILE A 90 -26.67 4.46 -22.94
C ILE A 90 -26.80 3.79 -24.31
N ILE A 91 -26.05 2.70 -24.51
CA ILE A 91 -26.22 1.81 -25.67
C ILE A 91 -26.75 0.44 -25.17
N PRO A 92 -28.03 0.13 -25.43
CA PRO A 92 -28.54 -1.13 -24.86
C PRO A 92 -27.89 -2.39 -25.47
N PRO A 93 -27.94 -3.52 -24.71
CA PRO A 93 -27.47 -4.81 -25.22
C PRO A 93 -28.07 -5.15 -26.62
N GLY A 94 -27.18 -5.44 -27.56
CA GLY A 94 -27.56 -5.67 -28.95
C GLY A 94 -27.90 -4.36 -29.72
N GLY A 95 -27.67 -3.22 -29.06
CA GLY A 95 -28.01 -1.92 -29.62
C GLY A 95 -26.97 -1.28 -30.52
N LYS A 96 -27.43 -0.30 -31.29
CA LYS A 96 -26.57 0.44 -32.21
C LYS A 96 -26.73 1.91 -31.90
N ARG A 97 -25.65 2.65 -31.97
CA ARG A 97 -25.69 4.10 -31.80
C ARG A 97 -24.68 4.71 -32.75
N SER A 98 -25.09 5.75 -33.47
CA SER A 98 -24.18 6.46 -34.37
C SER A 98 -23.94 7.86 -33.84
N VAL A 99 -22.69 8.29 -33.86
CA VAL A 99 -22.33 9.62 -33.41
C VAL A 99 -21.47 10.29 -34.45
N THR A 100 -21.71 11.58 -34.68
CA THR A 100 -20.85 12.36 -35.56
C THR A 100 -19.82 13.10 -34.74
N LEU A 101 -18.54 12.88 -35.05
CA LEU A 101 -17.41 13.58 -34.41
C LEU A 101 -16.85 14.62 -35.36
N ASN A 102 -16.88 15.87 -34.93
CA ASN A 102 -16.39 16.99 -35.71
C ASN A 102 -15.23 17.60 -34.95
N VAL A 103 -14.06 17.02 -35.10
CA VAL A 103 -12.93 17.38 -34.28
C VAL A 103 -12.43 18.79 -34.60
N ASP A 104 -12.30 19.60 -33.56
CA ASP A 104 -11.79 20.96 -33.70
C ASP A 104 -10.86 21.27 -32.54
N GLN A 105 -9.74 20.55 -32.53
CA GLN A 105 -8.72 20.72 -31.52
C GLN A 105 -7.42 20.24 -32.13
N PRO A 106 -6.29 20.62 -31.53
CA PRO A 106 -5.00 20.21 -32.05
C PRO A 106 -4.70 18.72 -32.01
N ALA A 107 -3.70 18.34 -32.81
CA ALA A 107 -3.23 16.97 -32.80
C ALA A 107 -2.96 16.52 -31.37
N ALA A 108 -3.34 15.29 -31.07
CA ALA A 108 -3.19 14.74 -29.73
C ALA A 108 -3.50 13.26 -29.77
N THR A 109 -3.06 12.56 -28.73
CA THR A 109 -3.48 11.20 -28.46
C THR A 109 -4.52 11.24 -27.33
N CYS A 110 -5.75 11.01 -27.69
CA CYS A 110 -6.87 10.89 -26.73
C CYS A 110 -7.23 9.42 -26.63
N TRP A 111 -8.29 9.08 -25.94
CA TRP A 111 -8.69 7.68 -25.82
C TRP A 111 -10.15 7.56 -25.63
N PHE A 112 -10.63 6.32 -25.62
CA PHE A 112 -12.04 6.11 -25.43
C PHE A 112 -12.30 4.90 -24.56
N HIS A 113 -13.38 4.95 -23.84
CA HIS A 113 -13.69 3.94 -22.83
C HIS A 113 -15.13 4.06 -22.38
N PRO A 114 -15.64 3.02 -21.71
CA PRO A 114 -17.01 3.10 -21.22
C PRO A 114 -17.21 4.09 -20.10
N HIS A 115 -18.45 4.56 -19.94
CA HIS A 115 -18.79 5.45 -18.84
C HIS A 115 -20.13 5.05 -18.26
N GLN A 116 -20.41 3.74 -18.24
CA GLN A 116 -21.64 3.23 -17.68
C GLN A 116 -21.76 3.66 -16.22
N HIS A 117 -22.92 4.21 -15.88
CA HIS A 117 -23.21 4.70 -14.53
C HIS A 117 -22.94 3.61 -13.45
N GLY A 118 -21.97 3.85 -12.56
CA GLY A 118 -21.68 2.95 -11.44
C GLY A 118 -20.85 1.71 -11.77
N LYS A 119 -20.51 1.53 -13.04
CA LYS A 119 -19.84 0.33 -13.51
C LYS A 119 -18.69 0.65 -14.47
N THR A 120 -18.23 1.89 -14.48
CA THR A 120 -17.13 2.26 -15.35
C THR A 120 -15.86 1.48 -15.02
N GLY A 121 -15.56 1.33 -13.73
CA GLY A 121 -14.43 0.54 -13.30
C GLY A 121 -14.50 -0.89 -13.79
N ARG A 122 -15.64 -1.56 -13.62
CA ARG A 122 -15.73 -2.96 -14.02
C ARG A 122 -15.58 -3.08 -15.54
N GLN A 123 -16.19 -2.18 -16.30
CA GLN A 123 -16.18 -2.32 -17.76
C GLN A 123 -14.80 -2.05 -18.33
N VAL A 124 -14.06 -1.09 -17.75
CA VAL A 124 -12.65 -0.90 -18.13
C VAL A 124 -11.81 -2.11 -17.68
N ALA A 125 -12.06 -2.60 -16.47
CA ALA A 125 -11.32 -3.77 -15.98
C ALA A 125 -11.50 -4.97 -16.88
N MET A 126 -12.68 -5.11 -17.45
CA MET A 126 -12.97 -6.28 -18.29
C MET A 126 -12.22 -6.24 -19.62
N GLY A 127 -11.72 -5.06 -19.99
CA GLY A 127 -10.91 -4.93 -21.20
C GLY A 127 -11.21 -3.78 -22.14
N LEU A 128 -12.31 -3.05 -21.93
CA LEU A 128 -12.66 -1.98 -22.88
C LEU A 128 -11.82 -0.71 -22.75
N ALA A 129 -11.05 -0.43 -23.78
CA ALA A 129 -10.37 0.85 -23.98
C ALA A 129 -9.87 0.87 -25.40
N GLY A 130 -9.87 2.05 -26.01
CA GLY A 130 -9.22 2.24 -27.31
C GLY A 130 -8.60 3.62 -27.34
N LEU A 131 -7.92 3.93 -28.44
CA LEU A 131 -7.20 5.17 -28.58
C LEU A 131 -7.82 6.03 -29.65
N VAL A 132 -7.53 7.32 -29.58
CA VAL A 132 -7.87 8.30 -30.61
C VAL A 132 -6.61 9.03 -30.99
N VAL A 133 -6.26 8.97 -32.26
CA VAL A 133 -5.14 9.71 -32.79
C VAL A 133 -5.71 10.84 -33.61
N ILE A 134 -5.54 12.07 -33.13
CA ILE A 134 -5.96 13.26 -33.86
C ILE A 134 -4.73 13.83 -34.56
N GLU A 135 -4.84 14.04 -35.86
CA GLU A 135 -3.81 14.73 -36.61
C GLU A 135 -4.31 16.05 -37.13
N ASP A 136 -3.35 16.93 -37.39
CA ASP A 136 -3.60 18.23 -37.98
C ASP A 136 -2.46 18.55 -38.95
N ASP A 137 -2.52 19.69 -39.62
CA ASP A 137 -1.49 20.01 -40.59
C ASP A 137 -0.17 20.37 -39.90
N GLU A 138 -0.25 20.94 -38.70
CA GLU A 138 0.91 21.37 -37.95
C GLU A 138 1.84 20.20 -37.62
N ILE A 139 1.29 19.14 -37.05
CA ILE A 139 2.14 18.11 -36.51
C ILE A 139 2.85 17.35 -37.63
N LEU A 140 2.20 17.27 -38.79
CA LEU A 140 2.75 16.53 -39.92
C LEU A 140 3.97 17.23 -40.53
N LYS A 141 4.16 18.51 -40.23
CA LYS A 141 5.31 19.25 -40.72
C LYS A 141 6.57 19.02 -39.88
N LEU A 142 6.42 18.41 -38.70
CA LEU A 142 7.49 18.30 -37.71
C LEU A 142 8.56 17.19 -37.90
N MET A 143 8.34 16.26 -38.81
CA MET A 143 9.30 15.13 -38.99
C MET A 143 9.49 14.31 -37.69
N LEU A 144 8.40 14.12 -36.95
CA LEU A 144 8.41 13.20 -35.83
C LEU A 144 8.32 11.76 -36.35
N PRO A 145 8.80 10.78 -35.53
CA PRO A 145 8.55 9.39 -35.92
C PRO A 145 7.09 9.16 -36.17
N LYS A 146 6.77 8.49 -37.28
CA LYS A 146 5.40 8.45 -37.79
C LYS A 146 5.00 7.10 -38.38
N GLN A 147 5.85 6.08 -38.26
CA GLN A 147 5.50 4.74 -38.77
C GLN A 147 4.75 3.98 -37.71
N TRP A 148 3.42 3.92 -37.84
CA TRP A 148 2.60 3.31 -36.80
C TRP A 148 2.98 1.86 -36.55
N GLY A 149 3.22 1.52 -35.29
CA GLY A 149 3.60 0.18 -34.90
C GLY A 149 5.03 -0.19 -35.17
N ILE A 150 5.81 0.77 -35.64
CA ILE A 150 7.24 0.56 -35.85
C ILE A 150 8.04 1.54 -34.99
N ASP A 151 7.98 2.84 -35.33
CA ASP A 151 8.63 3.87 -34.50
C ASP A 151 7.64 4.87 -33.92
N ASP A 152 6.35 4.73 -34.17
CA ASP A 152 5.31 5.51 -33.53
C ASP A 152 4.38 4.47 -32.92
N VAL A 153 4.49 4.27 -31.61
CA VAL A 153 3.93 3.12 -30.95
C VAL A 153 2.99 3.51 -29.79
N PRO A 154 1.75 3.04 -29.80
CA PRO A 154 0.91 3.24 -28.63
C PRO A 154 1.37 2.28 -27.55
N VAL A 155 1.34 2.73 -26.30
CA VAL A 155 1.74 1.95 -25.13
C VAL A 155 0.67 2.15 -24.05
N ILE A 156 -0.30 1.26 -24.03
CA ILE A 156 -1.42 1.34 -23.08
C ILE A 156 -1.06 0.42 -21.93
N VAL A 157 -0.80 1.02 -20.77
CA VAL A 157 -0.31 0.29 -19.60
C VAL A 157 -1.41 0.16 -18.57
N GLN A 158 -1.65 -1.07 -18.14
CA GLN A 158 -2.79 -1.38 -17.28
C GLN A 158 -2.45 -2.53 -16.38
N ASP A 159 -2.82 -2.47 -15.10
CA ASP A 159 -2.76 -3.65 -14.27
C ASP A 159 -4.10 -4.35 -14.25
N LYS A 160 -4.08 -5.64 -13.92
CA LYS A 160 -5.29 -6.40 -13.65
C LYS A 160 -5.06 -7.35 -12.49
N LYS A 161 -6.15 -7.62 -11.79
CA LYS A 161 -6.21 -8.61 -10.73
C LYS A 161 -6.95 -9.81 -11.29
N PHE A 162 -6.31 -10.98 -11.24
CA PHE A 162 -6.86 -12.20 -11.77
C PHE A 162 -7.10 -13.15 -10.60
N SER A 163 -8.21 -13.89 -10.65
CA SER A 163 -8.49 -14.90 -9.65
C SER A 163 -7.78 -16.20 -10.04
N ALA A 164 -7.89 -17.21 -9.20
CA ALA A 164 -7.13 -18.45 -9.40
C ALA A 164 -7.53 -19.18 -10.67
N ASP A 165 -8.82 -19.12 -11.00
CA ASP A 165 -9.33 -19.75 -12.22
C ASP A 165 -8.80 -19.04 -13.49
N GLY A 166 -8.06 -17.95 -13.32
CA GLY A 166 -7.44 -17.22 -14.44
C GLY A 166 -8.30 -16.06 -14.92
N GLN A 167 -9.45 -15.88 -14.29
CA GLN A 167 -10.44 -14.91 -14.72
C GLN A 167 -10.17 -13.57 -14.07
N ILE A 168 -10.62 -12.50 -14.71
CA ILE A 168 -10.49 -11.18 -14.12
C ILE A 168 -11.37 -11.13 -12.88
N ASP A 169 -10.79 -10.63 -11.79
CA ASP A 169 -11.45 -10.63 -10.47
C ASP A 169 -11.76 -9.19 -10.11
N TYR A 170 -13.01 -8.78 -10.34
CA TYR A 170 -13.42 -7.41 -10.04
C TYR A 170 -14.68 -7.43 -9.20
N GLN A 171 -14.58 -6.87 -7.99
CA GLN A 171 -15.71 -6.67 -7.12
C GLN A 171 -15.55 -5.34 -6.41
N LEU A 172 -16.59 -4.51 -6.48
CA LEU A 172 -16.59 -3.17 -5.90
C LEU A 172 -17.00 -3.26 -4.43
N ASP A 173 -16.11 -3.84 -3.62
CA ASP A 173 -16.31 -3.96 -2.17
C ASP A 173 -15.73 -2.73 -1.46
N VAL A 174 -15.72 -2.73 -0.14
CA VAL A 174 -15.40 -1.53 0.62
C VAL A 174 -13.95 -1.07 0.40
N MET A 175 -13.02 -2.01 0.39
CA MET A 175 -11.62 -1.69 0.17
C MET A 175 -11.40 -1.19 -1.27
N THR A 176 -11.94 -1.93 -2.23
CA THR A 176 -11.81 -1.58 -3.65
C THR A 176 -12.38 -0.19 -3.92
N ALA A 177 -13.50 0.14 -3.25
CA ALA A 177 -14.13 1.47 -3.39
C ALA A 177 -13.27 2.59 -2.81
N ALA A 178 -12.56 2.31 -1.72
CA ALA A 178 -11.73 3.31 -1.06
C ALA A 178 -10.38 3.52 -1.75
N VAL A 179 -9.66 2.42 -1.98
CA VAL A 179 -8.29 2.51 -2.49
C VAL A 179 -8.20 2.39 -4.01
N GLY A 180 -9.20 1.75 -4.61
CA GLY A 180 -9.18 1.49 -6.05
C GLY A 180 -8.96 0.01 -6.37
N TRP A 181 -9.30 -0.36 -7.60
CA TRP A 181 -9.02 -1.68 -8.12
C TRP A 181 -7.61 -1.69 -8.68
N PHE A 182 -6.78 -2.56 -8.13
CA PHE A 182 -5.45 -2.79 -8.63
C PHE A 182 -5.12 -4.27 -8.52
N GLY A 183 -4.10 -4.67 -9.27
CA GLY A 183 -3.64 -6.04 -9.27
C GLY A 183 -2.15 -6.18 -9.39
N ASP A 184 -1.70 -7.42 -9.41
CA ASP A 184 -0.28 -7.75 -9.38
C ASP A 184 0.30 -8.08 -10.76
N THR A 185 -0.54 -7.99 -11.79
CA THR A 185 -0.16 -8.32 -13.17
C THR A 185 -0.22 -7.06 -14.02
N LEU A 186 0.86 -6.76 -14.73
CA LEU A 186 0.91 -5.59 -15.58
C LEU A 186 0.79 -5.99 -17.03
N LEU A 187 -0.09 -5.30 -17.74
CA LEU A 187 -0.30 -5.50 -19.18
C LEU A 187 0.14 -4.26 -19.95
N THR A 188 0.68 -4.51 -21.14
CA THR A 188 1.16 -3.49 -22.08
C THR A 188 0.50 -3.81 -23.39
N ASN A 189 -0.47 -2.99 -23.78
CA ASN A 189 -1.36 -3.33 -24.91
C ASN A 189 -1.90 -4.73 -24.79
N GLY A 190 -2.23 -5.13 -23.56
CA GLY A 190 -2.84 -6.41 -23.33
C GLY A 190 -1.89 -7.57 -23.09
N ALA A 191 -0.60 -7.36 -23.31
CA ALA A 191 0.37 -8.45 -23.19
C ALA A 191 1.23 -8.31 -21.94
N ILE A 192 1.71 -9.42 -21.40
CA ILE A 192 2.59 -9.35 -20.24
C ILE A 192 4.03 -9.22 -20.70
N TYR A 193 4.68 -8.12 -20.30
CA TYR A 193 6.07 -7.82 -20.60
C TYR A 193 6.45 -8.19 -22.04
N PRO A 194 5.84 -7.50 -23.00
CA PRO A 194 6.16 -7.73 -24.40
C PRO A 194 7.45 -7.04 -24.81
N GLN A 195 7.96 -7.45 -25.97
CA GLN A 195 9.09 -6.80 -26.58
C GLN A 195 8.65 -6.11 -27.86
N HIS A 196 9.27 -4.96 -28.13
CA HIS A 196 8.98 -4.20 -29.33
C HIS A 196 10.26 -3.96 -30.10
N ALA A 197 10.25 -4.34 -31.38
CA ALA A 197 11.40 -4.13 -32.25
C ALA A 197 11.33 -2.72 -32.86
N ALA A 198 12.30 -1.90 -32.51
CA ALA A 198 12.29 -0.47 -32.84
C ALA A 198 13.50 -0.13 -33.66
N PRO A 199 13.30 0.62 -34.77
CA PRO A 199 14.41 1.11 -35.57
C PRO A 199 15.44 1.91 -34.76
N ARG A 200 16.69 1.71 -35.08
CA ARG A 200 17.74 2.57 -34.54
C ARG A 200 17.42 4.00 -34.91
N GLY A 201 17.58 4.90 -33.94
CA GLY A 201 17.23 6.30 -34.13
C GLY A 201 16.32 6.71 -32.99
N TRP A 202 15.22 7.37 -33.33
CA TRP A 202 14.22 7.84 -32.36
C TRP A 202 12.97 7.00 -32.40
N LEU A 203 12.42 6.72 -31.20
CA LEU A 203 11.23 5.94 -31.02
C LEU A 203 10.25 6.85 -30.29
N ARG A 204 9.04 6.95 -30.80
CA ARG A 204 7.94 7.72 -30.22
C ARG A 204 7.02 6.76 -29.54
N LEU A 205 6.76 6.97 -28.26
CA LEU A 205 5.83 6.19 -27.49
C LEU A 205 4.66 7.07 -27.08
N ARG A 206 3.46 6.63 -27.40
CA ARG A 206 2.22 7.32 -26.99
C ARG A 206 1.76 6.57 -25.76
N LEU A 207 2.12 7.10 -24.60
CA LEU A 207 1.83 6.43 -23.32
C LEU A 207 0.47 6.77 -22.80
N LEU A 208 -0.30 5.76 -22.41
CA LEU A 208 -1.60 5.92 -21.74
C LEU A 208 -1.56 5.14 -20.46
N ASN A 209 -1.80 5.81 -19.33
CA ASN A 209 -2.08 5.09 -18.12
C ASN A 209 -3.55 4.71 -18.14
N GLY A 210 -3.82 3.47 -18.52
CA GLY A 210 -5.16 2.94 -18.57
C GLY A 210 -5.58 2.11 -17.35
N CYS A 211 -4.87 2.31 -16.25
CA CYS A 211 -5.21 1.62 -14.99
C CYS A 211 -6.45 2.24 -14.38
N ASN A 212 -7.23 1.44 -13.67
CA ASN A 212 -8.37 1.95 -12.94
C ASN A 212 -7.96 2.93 -11.82
N ALA A 213 -6.89 2.59 -11.12
CA ALA A 213 -6.54 3.29 -9.89
C ALA A 213 -5.04 3.48 -9.68
N ARG A 214 -4.19 2.77 -10.41
CA ARG A 214 -2.75 2.77 -10.15
C ARG A 214 -2.07 3.91 -10.88
N SER A 215 -1.39 4.79 -10.16
CA SER A 215 -0.51 5.75 -10.81
C SER A 215 0.80 5.07 -11.19
N LEU A 216 1.43 5.61 -12.22
CA LEU A 216 2.64 5.04 -12.83
C LEU A 216 3.73 6.07 -12.85
N ASN A 217 4.96 5.62 -13.04
CA ASN A 217 6.09 6.53 -13.12
C ASN A 217 7.13 5.96 -14.06
N PHE A 218 7.06 6.37 -15.32
CA PHE A 218 7.88 5.73 -16.36
C PHE A 218 9.33 6.17 -16.35
N ALA A 219 10.24 5.22 -16.61
CA ALA A 219 11.66 5.48 -16.78
C ALA A 219 12.24 4.39 -17.66
N THR A 220 13.53 4.50 -18.00
CA THR A 220 14.19 3.43 -18.75
C THR A 220 15.14 2.70 -17.83
N SER A 221 15.38 1.43 -18.11
CA SER A 221 16.18 0.57 -17.25
C SER A 221 17.63 1.01 -17.13
N ASP A 222 18.14 1.75 -18.11
CA ASP A 222 19.52 2.24 -18.08
C ASP A 222 19.59 3.77 -17.95
N ASN A 223 18.47 4.34 -17.50
CA ASN A 223 18.36 5.76 -17.16
C ASN A 223 18.64 6.71 -18.33
N ARG A 224 18.46 6.24 -19.57
CA ARG A 224 18.47 7.16 -20.70
C ARG A 224 17.21 8.01 -20.59
N PRO A 225 17.31 9.29 -20.96
CA PRO A 225 16.18 10.21 -20.79
C PRO A 225 14.98 9.94 -21.70
N LEU A 226 13.82 10.42 -21.26
CA LEU A 226 12.63 10.46 -22.08
C LEU A 226 12.38 11.92 -22.43
N TYR A 227 12.04 12.20 -23.68
CA TYR A 227 11.77 13.56 -24.12
C TYR A 227 10.29 13.72 -24.36
N VAL A 228 9.60 14.43 -23.46
CA VAL A 228 8.17 14.60 -23.53
C VAL A 228 7.84 15.61 -24.61
N ILE A 229 7.02 15.19 -25.57
CA ILE A 229 6.63 16.09 -26.66
C ILE A 229 5.17 16.48 -26.64
N ALA A 230 4.36 15.78 -25.87
CA ALA A 230 2.93 16.03 -25.86
C ALA A 230 2.32 15.55 -24.56
N SER A 231 1.23 16.20 -24.17
CA SER A 231 0.44 15.81 -23.02
C SER A 231 -0.98 15.46 -23.48
N ASP A 232 -1.95 15.36 -22.57
CA ASP A 232 -3.29 14.92 -22.88
C ASP A 232 -3.82 15.57 -24.15
N GLY A 233 -3.68 16.88 -24.25
CA GLY A 233 -4.35 17.66 -25.27
C GLY A 233 -3.52 18.11 -26.42
N GLY A 234 -2.29 17.63 -26.48
CA GLY A 234 -1.46 17.84 -27.65
C GLY A 234 -0.03 18.23 -27.37
N LEU A 235 0.64 18.69 -28.40
CA LEU A 235 2.05 19.05 -28.33
C LEU A 235 2.34 20.10 -27.28
N LEU A 236 3.52 19.97 -26.65
CA LEU A 236 4.11 21.00 -25.83
C LEU A 236 4.75 22.00 -26.80
N PRO A 237 5.13 23.20 -26.32
CA PRO A 237 5.86 24.11 -27.17
C PRO A 237 7.23 23.60 -27.65
N GLU A 238 7.93 22.90 -26.75
CA GLU A 238 9.25 22.31 -27.05
C GLU A 238 9.39 21.03 -26.21
N PRO A 239 10.29 20.13 -26.59
CA PRO A 239 10.40 18.94 -25.78
C PRO A 239 10.93 19.22 -24.39
N VAL A 240 10.49 18.43 -23.43
CA VAL A 240 10.93 18.56 -22.05
C VAL A 240 11.61 17.24 -21.67
N LYS A 241 12.90 17.33 -21.42
CA LYS A 241 13.69 16.16 -21.05
C LYS A 241 13.42 15.81 -19.59
N VAL A 242 13.10 14.55 -19.34
CA VAL A 242 12.87 14.03 -17.99
C VAL A 242 13.60 12.70 -17.83
N SER A 243 13.98 12.39 -16.59
CA SER A 243 14.54 11.10 -16.23
C SER A 243 13.45 10.14 -15.73
N GLU A 244 12.34 10.68 -15.23
CA GLU A 244 11.18 9.88 -14.89
C GLU A 244 9.92 10.68 -15.23
N LEU A 245 8.84 9.95 -15.52
CA LEU A 245 7.60 10.56 -15.95
C LEU A 245 6.41 9.98 -15.21
N PRO A 246 5.99 10.63 -14.12
CA PRO A 246 4.73 10.25 -13.50
C PRO A 246 3.52 10.42 -14.43
N VAL A 247 2.64 9.43 -14.45
CA VAL A 247 1.45 9.48 -15.28
C VAL A 247 0.26 9.02 -14.45
N LEU A 248 -0.72 9.91 -14.30
CA LEU A 248 -1.91 9.61 -13.54
C LEU A 248 -2.93 8.81 -14.36
N MET A 249 -3.92 8.21 -13.71
CA MET A 249 -4.89 7.39 -14.39
C MET A 249 -5.66 8.22 -15.42
N GLY A 250 -5.66 7.76 -16.68
CA GLY A 250 -6.33 8.45 -17.78
C GLY A 250 -5.48 9.45 -18.56
N GLU A 251 -4.30 9.76 -18.06
CA GLU A 251 -3.39 10.71 -18.69
C GLU A 251 -2.66 10.08 -19.86
N ARG A 252 -2.33 10.91 -20.86
CA ARG A 252 -1.43 10.50 -21.90
C ARG A 252 -0.25 11.43 -21.98
N PHE A 253 0.93 10.89 -22.26
CA PHE A 253 2.05 11.66 -22.71
C PHE A 253 2.67 10.97 -23.89
N GLU A 254 3.14 11.74 -24.85
CA GLU A 254 3.94 11.18 -25.93
C GLU A 254 5.37 11.55 -25.62
N VAL A 255 6.28 10.57 -25.70
CA VAL A 255 7.66 10.77 -25.47
C VAL A 255 8.51 10.25 -26.63
N LEU A 256 9.65 10.86 -26.84
CA LEU A 256 10.67 10.29 -27.71
C LEU A 256 11.80 9.73 -26.84
N VAL A 257 12.34 8.60 -27.25
CA VAL A 257 13.46 7.95 -26.57
C VAL A 257 14.43 7.47 -27.65
N GLU A 258 15.73 7.59 -27.37
CA GLU A 258 16.75 7.17 -28.32
C GLU A 258 16.95 5.66 -28.35
N VAL A 259 17.10 5.10 -29.55
CA VAL A 259 17.36 3.66 -29.73
C VAL A 259 18.70 3.48 -30.44
N ASN A 260 19.69 2.94 -29.72
CA ASN A 260 21.04 2.74 -30.24
C ASN A 260 21.29 1.28 -30.65
N ASP A 261 21.91 1.08 -31.81
CA ASP A 261 21.95 -0.24 -32.48
C ASP A 261 22.18 -1.38 -31.52
N ASN A 262 23.09 -1.15 -30.58
CA ASN A 262 23.57 -2.19 -29.71
C ASN A 262 22.47 -2.65 -28.76
N LYS A 263 22.13 -1.76 -27.82
CA LYS A 263 21.66 -2.18 -26.50
C LYS A 263 20.14 -2.21 -26.35
N PRO A 264 19.55 -3.40 -26.10
CA PRO A 264 18.15 -3.42 -25.69
C PRO A 264 18.01 -2.91 -24.28
N PHE A 265 16.86 -2.32 -24.02
CA PHE A 265 16.55 -1.76 -22.71
C PHE A 265 15.06 -1.91 -22.44
N ASP A 266 14.67 -1.76 -21.18
CA ASP A 266 13.27 -1.74 -20.82
C ASP A 266 12.72 -0.34 -20.56
N LEU A 267 11.48 -0.15 -20.94
CA LEU A 267 10.64 0.86 -20.30
C LEU A 267 10.20 0.24 -18.98
N VAL A 268 10.33 0.98 -17.89
CA VAL A 268 9.94 0.49 -16.59
C VAL A 268 8.98 1.46 -15.93
N THR A 269 8.31 1.00 -14.89
CA THR A 269 7.57 1.89 -13.99
C THR A 269 8.12 1.76 -12.58
N LEU A 270 8.37 2.91 -11.97
CA LEU A 270 9.01 2.99 -10.68
C LEU A 270 8.01 2.99 -9.55
N PRO A 271 8.40 2.45 -8.37
CA PRO A 271 7.42 2.45 -7.27
C PRO A 271 6.86 3.84 -6.98
N VAL A 272 5.57 3.89 -6.67
CA VAL A 272 4.88 5.16 -6.41
C VAL A 272 4.45 5.17 -4.96
N SER A 273 4.21 6.38 -4.44
CA SER A 273 3.74 6.60 -3.08
C SER A 273 2.24 6.78 -3.14
N GLN A 274 1.53 5.67 -3.13
CA GLN A 274 0.09 5.65 -3.27
C GLN A 274 -0.46 4.39 -2.61
N MET A 275 -1.51 4.56 -1.79
CA MET A 275 -2.12 3.45 -1.06
C MET A 275 -2.42 2.28 -1.99
N GLY A 276 -1.80 1.14 -1.66
CA GLY A 276 -2.01 -0.11 -2.36
C GLY A 276 -0.97 -0.40 -3.43
N MET A 277 -0.38 0.66 -3.96
CA MET A 277 0.33 0.54 -5.23
C MET A 277 1.79 0.16 -5.12
N ALA A 278 2.34 0.23 -3.90
CA ALA A 278 3.74 -0.15 -3.68
C ALA A 278 3.88 -1.60 -3.21
N ILE A 279 2.75 -2.30 -3.13
CA ILE A 279 2.74 -3.71 -2.76
C ILE A 279 3.33 -4.53 -3.89
N ALA A 280 4.09 -5.57 -3.53
CA ALA A 280 4.72 -6.44 -4.53
C ALA A 280 3.69 -6.87 -5.59
N PRO A 281 4.12 -6.97 -6.86
CA PRO A 281 5.47 -6.78 -7.38
C PRO A 281 5.86 -5.36 -7.75
N PHE A 282 5.08 -4.37 -7.32
CA PHE A 282 5.36 -2.97 -7.67
C PHE A 282 6.18 -2.25 -6.59
N ASP A 283 6.79 -3.03 -5.71
CA ASP A 283 7.71 -2.52 -4.68
C ASP A 283 9.09 -2.14 -5.23
N LYS A 284 9.39 -2.58 -6.46
CA LYS A 284 10.65 -2.27 -7.13
C LYS A 284 10.36 -1.82 -8.55
N PRO A 285 11.37 -1.26 -9.25
CA PRO A 285 11.12 -0.98 -10.66
C PRO A 285 10.55 -2.21 -11.38
N HIS A 286 9.52 -1.99 -12.18
CA HIS A 286 8.76 -3.07 -12.80
C HIS A 286 8.80 -2.88 -14.30
N PRO A 287 9.35 -3.87 -15.02
CA PRO A 287 9.38 -3.78 -16.47
C PRO A 287 8.01 -3.60 -17.09
N VAL A 288 7.93 -2.74 -18.12
CA VAL A 288 6.70 -2.52 -18.86
C VAL A 288 6.82 -3.17 -20.25
N MET A 289 7.93 -2.89 -20.92
CA MET A 289 8.23 -3.57 -22.18
C MET A 289 9.69 -3.46 -22.50
N ARG A 290 10.17 -4.42 -23.27
CA ARG A 290 11.54 -4.42 -23.76
C ARG A 290 11.57 -3.80 -25.13
N ILE A 291 12.55 -2.94 -25.35
CA ILE A 291 12.75 -2.33 -26.65
C ILE A 291 13.99 -2.99 -27.25
N GLN A 292 13.81 -3.59 -28.42
CA GLN A 292 14.85 -4.31 -29.13
C GLN A 292 15.25 -3.51 -30.37
N PRO A 293 16.44 -2.95 -30.36
CA PRO A 293 16.92 -2.25 -31.55
C PRO A 293 16.95 -3.16 -32.79
N ILE A 294 16.45 -2.64 -33.91
CA ILE A 294 16.56 -3.33 -35.20
C ILE A 294 17.08 -2.36 -36.25
N ALA A 295 17.44 -2.91 -37.40
CA ALA A 295 18.17 -2.18 -38.43
C ALA A 295 17.27 -2.06 -39.64
N ILE A 296 16.11 -1.45 -39.46
CA ILE A 296 15.20 -1.11 -40.54
C ILE A 296 15.05 0.42 -40.56
N SER A 297 14.48 0.94 -41.64
CA SER A 297 14.37 2.40 -41.84
C SER A 297 13.65 3.11 -40.69
N ALA A 298 14.25 4.18 -40.18
CA ALA A 298 13.56 5.07 -39.22
C ALA A 298 12.79 6.12 -40.04
N SER A 299 12.07 7.01 -39.37
CA SER A 299 11.27 8.00 -40.09
C SER A 299 11.30 9.43 -39.57
N GLY A 300 11.86 9.64 -38.38
CA GLY A 300 11.69 10.92 -37.72
C GLY A 300 12.72 11.19 -36.68
N ALA A 301 12.61 12.37 -36.08
CA ALA A 301 13.58 12.78 -35.09
C ALA A 301 12.91 13.75 -34.12
N LEU A 302 13.69 14.19 -33.14
CA LEU A 302 13.23 15.12 -32.14
C LEU A 302 13.40 16.58 -32.60
N PRO A 303 12.29 17.28 -32.87
CA PRO A 303 12.37 18.69 -33.23
C PRO A 303 12.73 19.61 -32.05
N ASP A 304 13.49 20.67 -32.31
CA ASP A 304 13.81 21.65 -31.27
C ASP A 304 12.59 22.42 -30.79
N THR A 305 11.67 22.66 -31.72
CA THR A 305 10.44 23.40 -31.43
C THR A 305 9.29 22.55 -31.94
N LEU A 306 8.18 22.51 -31.19
CA LEU A 306 7.05 21.68 -31.58
C LEU A 306 5.81 22.50 -31.98
N SER A 307 5.46 23.49 -31.16
CA SER A 307 4.20 24.21 -31.36
C SER A 307 4.24 25.52 -30.60
N SER A 308 3.18 26.31 -30.71
CA SER A 308 3.06 27.57 -29.97
C SER A 308 1.87 27.47 -29.02
N LEU A 309 2.12 27.61 -27.72
CA LEU A 309 1.08 27.58 -26.68
C LEU A 309 0.59 29.01 -26.40
N PRO A 310 -0.74 29.22 -26.22
CA PRO A 310 -1.17 30.59 -25.93
C PRO A 310 -0.70 31.07 -24.54
N ALA A 311 -0.53 32.39 -24.41
CA ALA A 311 -0.31 32.98 -23.10
C ALA A 311 -1.53 32.70 -22.24
N LEU A 312 -1.31 32.46 -20.95
CA LEU A 312 -2.43 32.40 -20.02
C LEU A 312 -3.05 33.81 -19.97
N PRO A 313 -4.38 33.89 -20.05
CA PRO A 313 -5.07 35.17 -19.97
C PRO A 313 -5.14 35.67 -18.53
N SER A 314 -5.40 36.97 -18.39
CA SER A 314 -5.56 37.58 -17.09
C SER A 314 -6.75 36.92 -16.41
N LEU A 315 -6.65 36.76 -15.10
CA LEU A 315 -7.66 36.06 -14.32
C LEU A 315 -8.82 36.96 -13.86
N GLU A 316 -8.68 38.27 -14.08
CA GLU A 316 -9.66 39.21 -13.55
C GLU A 316 -11.01 39.02 -14.20
N GLY A 317 -12.04 38.90 -13.36
CA GLY A 317 -13.42 38.81 -13.83
C GLY A 317 -13.86 37.43 -14.30
N LEU A 318 -12.99 36.44 -14.17
CA LEU A 318 -13.39 35.09 -14.53
C LEU A 318 -14.23 34.50 -13.41
N THR A 319 -15.22 33.73 -13.80
CA THR A 319 -16.03 32.98 -12.87
C THR A 319 -15.13 31.95 -12.19
N VAL A 320 -15.26 31.82 -10.88
CA VAL A 320 -14.56 30.82 -10.08
C VAL A 320 -15.56 29.78 -9.57
N ARG A 321 -15.27 28.52 -9.82
CA ARG A 321 -16.04 27.40 -9.30
C ARG A 321 -15.18 26.59 -8.35
N LYS A 322 -15.77 26.24 -7.21
CA LYS A 322 -15.12 25.47 -6.17
C LYS A 322 -15.70 24.08 -6.12
N LEU A 323 -14.82 23.07 -6.20
CA LEU A 323 -15.18 21.65 -6.15
C LEU A 323 -14.42 20.96 -5.01
N GLN A 324 -15.14 20.60 -3.95
CA GLN A 324 -14.52 20.00 -2.79
C GLN A 324 -14.75 18.49 -2.86
N LEU A 325 -13.68 17.73 -2.96
CA LEU A 325 -13.77 16.27 -2.98
C LEU A 325 -13.78 15.75 -1.56
N SER A 326 -14.59 14.73 -1.30
CA SER A 326 -14.64 14.13 0.02
C SER A 326 -14.95 12.64 -0.03
N MET A 327 -14.58 11.96 1.06
CA MET A 327 -14.81 10.54 1.20
C MET A 327 -15.36 10.37 2.62
N ASP A 328 -16.67 10.15 2.73
CA ASP A 328 -17.33 9.97 4.02
C ASP A 328 -17.67 8.50 4.19
N GLY A 329 -16.92 7.81 5.05
CA GLY A 329 -17.07 6.38 5.21
C GLY A 329 -16.99 5.74 3.83
N GLY A 330 -18.13 5.27 3.32
CA GLY A 330 -18.20 4.64 2.01
C GLY A 330 -18.72 5.55 0.91
N ALA A 331 -19.19 6.74 1.28
CA ALA A 331 -19.74 7.71 0.34
C ALA A 331 -18.67 8.68 -0.18
N ASN A 332 -18.37 8.59 -1.48
CA ASN A 332 -17.45 9.51 -2.12
C ASN A 332 -18.30 10.60 -2.78
N LYS A 333 -17.85 11.85 -2.70
CA LYS A 333 -18.69 12.97 -3.14
C LYS A 333 -17.90 14.19 -3.59
N ILE A 334 -18.60 15.11 -4.23
CA ILE A 334 -18.07 16.44 -4.56
C ILE A 334 -19.06 17.49 -4.04
N ASN A 335 -18.56 18.50 -3.35
CA ASN A 335 -19.42 19.50 -2.71
C ASN A 335 -20.56 18.89 -1.88
N GLY A 336 -20.23 17.83 -1.16
CA GLY A 336 -21.19 17.18 -0.25
C GLY A 336 -22.28 16.36 -0.93
N GLN A 337 -22.07 16.01 -2.19
CA GLN A 337 -23.08 15.31 -2.97
C GLN A 337 -22.48 14.16 -3.76
N ALA A 338 -23.00 12.96 -3.58
CA ALA A 338 -22.65 11.87 -4.49
C ALA A 338 -23.30 12.20 -5.83
N PHE A 339 -22.68 11.74 -6.90
CA PHE A 339 -23.15 12.01 -8.25
C PHE A 339 -24.64 11.73 -8.42
N ASP A 340 -25.36 12.71 -8.95
CA ASP A 340 -26.79 12.62 -9.23
C ASP A 340 -26.99 12.89 -10.71
N MET A 341 -27.37 11.86 -11.46
CA MET A 341 -27.38 11.95 -12.91
C MET A 341 -28.49 12.85 -13.46
N ASN A 342 -29.48 13.15 -12.62
CA ASN A 342 -30.60 14.02 -12.99
C ASN A 342 -30.45 15.42 -12.44
N LYS A 343 -29.28 15.74 -11.90
CA LYS A 343 -29.09 17.02 -11.21
C LYS A 343 -27.69 17.57 -11.44
N PRO A 344 -27.48 18.23 -12.60
CA PRO A 344 -26.19 18.88 -12.79
C PRO A 344 -25.95 19.93 -11.71
N MET A 345 -24.72 19.97 -11.22
CA MET A 345 -24.39 20.81 -10.08
C MET A 345 -24.42 22.30 -10.45
N PHE A 346 -23.96 22.62 -11.66
CA PHE A 346 -23.94 24.01 -12.10
C PHE A 346 -23.98 24.10 -13.63
N ALA A 347 -24.20 25.33 -14.10
CA ALA A 347 -24.31 25.63 -15.52
C ALA A 347 -23.14 26.53 -15.88
N ALA A 348 -22.19 25.97 -16.63
CA ALA A 348 -21.03 26.70 -17.08
C ALA A 348 -21.37 27.46 -18.36
N ALA A 349 -20.62 28.53 -18.57
CA ALA A 349 -20.75 29.33 -19.77
C ALA A 349 -20.04 28.60 -20.93
N LYS A 350 -20.57 28.79 -22.14
CA LYS A 350 -19.90 28.30 -23.34
C LYS A 350 -18.97 29.39 -23.85
N GLY A 351 -17.76 28.98 -24.20
CA GLY A 351 -16.80 29.87 -24.84
C GLY A 351 -16.22 30.93 -23.94
N GLN A 352 -16.25 30.72 -22.63
CA GLN A 352 -15.70 31.68 -21.67
C GLN A 352 -14.73 30.99 -20.73
N TYR A 353 -13.55 31.56 -20.57
CA TYR A 353 -12.62 31.04 -19.57
C TYR A 353 -13.29 31.09 -18.19
N GLU A 354 -13.10 30.01 -17.43
CA GLU A 354 -13.48 29.95 -16.01
C GLU A 354 -12.30 29.39 -15.24
N ARG A 355 -12.23 29.71 -13.96
CA ARG A 355 -11.22 29.15 -13.07
C ARG A 355 -11.89 28.13 -12.16
N TRP A 356 -11.48 26.88 -12.24
CA TRP A 356 -12.05 25.85 -11.36
C TRP A 356 -11.01 25.46 -10.32
N VAL A 357 -11.45 25.44 -9.06
CA VAL A 357 -10.59 25.20 -7.91
C VAL A 357 -11.07 23.88 -7.30
N ILE A 358 -10.19 22.89 -7.31
CA ILE A 358 -10.56 21.53 -6.90
C ILE A 358 -9.70 21.15 -5.71
N SER A 359 -10.36 20.86 -4.58
CA SER A 359 -9.66 20.57 -3.35
C SER A 359 -9.83 19.13 -2.89
N GLY A 360 -8.71 18.56 -2.47
CA GLY A 360 -8.70 17.29 -1.77
C GLY A 360 -8.31 17.44 -0.32
N VAL A 361 -8.34 18.66 0.21
CA VAL A 361 -8.05 18.86 1.63
C VAL A 361 -9.11 18.09 2.42
N GLY A 362 -8.66 17.31 3.41
CA GLY A 362 -9.58 16.45 4.19
C GLY A 362 -9.35 14.95 3.99
N ASP A 363 -8.76 14.54 2.87
CA ASP A 363 -8.15 13.20 2.80
C ASP A 363 -6.82 13.22 2.05
N MET A 364 -6.05 12.13 2.18
CA MET A 364 -4.73 12.07 1.55
C MET A 364 -4.70 11.12 0.33
N MET A 365 -5.87 10.68 -0.14
CA MET A 365 -5.92 9.83 -1.34
C MET A 365 -5.60 10.60 -2.61
N LEU A 366 -5.26 9.87 -3.65
CA LEU A 366 -4.91 10.47 -4.94
C LEU A 366 -6.14 10.56 -5.83
N HIS A 367 -6.47 11.78 -6.27
CA HIS A 367 -7.62 12.02 -7.15
C HIS A 367 -7.16 12.72 -8.42
N PRO A 368 -6.90 11.95 -9.50
CA PRO A 368 -6.65 12.62 -10.79
C PRO A 368 -7.98 13.16 -11.33
N PHE A 369 -8.13 14.48 -11.30
CA PHE A 369 -9.43 15.06 -11.57
C PHE A 369 -9.55 15.42 -13.04
N HIS A 370 -10.56 14.85 -13.66
CA HIS A 370 -10.78 14.95 -15.11
C HIS A 370 -12.08 15.74 -15.35
N ILE A 371 -12.03 16.65 -16.33
CA ILE A 371 -13.17 17.42 -16.75
C ILE A 371 -13.44 17.09 -18.23
N HIS A 372 -14.66 16.65 -18.53
CA HIS A 372 -15.06 16.39 -19.91
C HIS A 372 -15.21 17.70 -20.71
N GLY A 373 -15.09 17.57 -22.03
CA GLY A 373 -15.47 18.63 -22.95
C GLY A 373 -14.45 19.74 -23.17
N THR A 374 -13.22 19.53 -22.73
CA THR A 374 -12.23 20.58 -22.72
C THR A 374 -10.81 20.02 -22.68
N GLN A 375 -9.91 20.85 -23.16
CA GLN A 375 -8.53 20.77 -22.78
C GLN A 375 -8.18 22.06 -22.09
N PHE A 376 -7.72 21.94 -20.85
CA PHE A 376 -7.50 23.11 -20.00
C PHE A 376 -6.03 23.37 -19.75
N ARG A 377 -5.72 24.48 -19.09
CA ARG A 377 -4.37 24.80 -18.63
C ARG A 377 -4.38 24.71 -17.11
N ILE A 378 -3.40 24.03 -16.55
CA ILE A 378 -3.30 23.96 -15.09
C ILE A 378 -2.60 25.22 -14.61
N LEU A 379 -3.23 25.94 -13.68
CA LEU A 379 -2.60 27.11 -13.04
C LEU A 379 -1.79 26.73 -11.81
N SER A 380 -2.40 25.91 -10.97
CA SER A 380 -1.71 25.32 -9.82
C SER A 380 -2.09 23.86 -9.74
N GLU A 381 -1.08 23.02 -9.53
CA GLU A 381 -1.31 21.61 -9.35
C GLU A 381 -0.90 21.18 -7.95
N ASN A 382 -1.92 20.96 -7.12
CA ASN A 382 -1.72 20.45 -5.78
C ASN A 382 -0.66 21.19 -4.96
N GLY A 383 -0.62 22.51 -5.12
CA GLY A 383 0.26 23.36 -4.34
C GLY A 383 1.36 24.13 -5.04
N LYS A 384 1.57 23.82 -6.33
CA LYS A 384 2.69 24.45 -7.05
C LYS A 384 2.29 24.62 -8.51
N PRO A 385 2.86 25.62 -9.18
CA PRO A 385 2.65 25.66 -10.63
C PRO A 385 3.05 24.33 -11.26
N PRO A 386 2.41 23.97 -12.36
CA PRO A 386 2.72 22.65 -12.91
C PRO A 386 4.14 22.56 -13.42
N ALA A 387 4.69 21.35 -13.38
CA ALA A 387 5.93 21.03 -14.06
C ALA A 387 5.80 21.39 -15.54
N ALA A 388 6.94 21.65 -16.16
CA ALA A 388 6.96 22.14 -17.53
C ALA A 388 6.22 21.24 -18.50
N HIS A 389 6.38 19.93 -18.35
CA HIS A 389 5.71 19.01 -19.26
C HIS A 389 4.22 18.86 -18.97
N ARG A 390 3.76 19.45 -17.85
CA ARG A 390 2.38 19.44 -17.45
C ARG A 390 1.68 20.80 -17.58
N ALA A 391 2.41 21.75 -18.16
CA ALA A 391 1.98 23.14 -18.23
C ALA A 391 1.24 23.49 -19.52
N GLY A 392 1.11 22.52 -20.44
CA GLY A 392 0.38 22.71 -21.70
C GLY A 392 -1.05 22.30 -21.60
N TRP A 393 -1.55 21.55 -22.59
CA TRP A 393 -2.94 21.18 -22.65
C TRP A 393 -3.17 19.89 -21.89
N LYS A 394 -4.04 19.96 -20.89
CA LYS A 394 -4.36 18.85 -19.99
C LYS A 394 -5.84 18.65 -19.83
N ASP A 395 -6.28 17.41 -19.62
CA ASP A 395 -7.66 17.13 -19.25
C ASP A 395 -7.79 16.54 -17.84
N THR A 396 -6.65 16.45 -17.17
CA THR A 396 -6.54 15.83 -15.86
C THR A 396 -5.59 16.68 -15.03
N VAL A 397 -5.90 16.87 -13.74
CA VAL A 397 -5.02 17.56 -12.80
C VAL A 397 -4.94 16.78 -11.47
N LYS A 398 -3.74 16.65 -10.93
CA LYS A 398 -3.57 16.00 -9.65
C LYS A 398 -4.22 16.78 -8.52
N VAL A 399 -4.97 16.06 -7.70
CA VAL A 399 -5.49 16.58 -6.42
C VAL A 399 -5.20 15.51 -5.38
N GLU A 400 -4.41 15.88 -4.38
CA GLU A 400 -4.01 14.90 -3.37
C GLU A 400 -3.63 15.63 -2.09
N GLY A 401 -4.62 15.79 -1.22
CA GLY A 401 -4.39 16.45 0.07
C GLY A 401 -4.17 17.96 -0.02
N ASN A 402 -4.38 18.53 -1.20
CA ASN A 402 -4.17 19.93 -1.40
C ASN A 402 -5.16 20.41 -2.46
N VAL A 403 -4.89 21.58 -3.03
CA VAL A 403 -5.84 22.26 -3.88
C VAL A 403 -5.20 22.56 -5.25
N SER A 404 -5.97 22.34 -6.30
CA SER A 404 -5.55 22.65 -7.67
C SER A 404 -6.46 23.69 -8.29
N GLU A 405 -5.93 24.38 -9.30
CA GLU A 405 -6.65 25.44 -10.01
C GLU A 405 -6.40 25.23 -11.49
N VAL A 406 -7.48 25.18 -12.25
CA VAL A 406 -7.37 25.02 -13.71
C VAL A 406 -8.16 26.11 -14.41
N LEU A 407 -7.64 26.49 -15.59
CA LEU A 407 -8.26 27.50 -16.43
C LEU A 407 -8.91 26.77 -17.58
N VAL A 408 -10.23 26.80 -17.64
CA VAL A 408 -10.98 25.95 -18.56
C VAL A 408 -11.87 26.80 -19.45
N LYS A 409 -12.16 26.28 -20.65
CA LYS A 409 -13.07 26.91 -21.61
C LYS A 409 -13.78 25.77 -22.34
N PHE A 410 -15.10 25.83 -22.46
CA PHE A 410 -15.92 24.81 -23.10
C PHE A 410 -16.48 25.39 -24.37
N ASN A 411 -16.11 24.82 -25.51
CA ASN A 411 -16.49 25.37 -26.80
C ASN A 411 -17.77 24.81 -27.38
N HIS A 412 -18.42 23.88 -26.67
CA HIS A 412 -19.57 23.16 -27.21
C HIS A 412 -20.64 23.05 -26.15
N ASP A 413 -21.87 22.90 -26.59
CA ASP A 413 -23.02 22.85 -25.70
C ASP A 413 -23.15 21.48 -25.07
N ALA A 414 -23.66 21.45 -23.83
CA ALA A 414 -24.01 20.22 -23.13
C ALA A 414 -25.25 20.52 -22.27
N PRO A 415 -26.43 20.14 -22.74
CA PRO A 415 -27.64 20.40 -21.94
C PRO A 415 -27.82 19.37 -20.80
N LYS A 416 -28.82 19.56 -19.96
CA LYS A 416 -29.06 18.65 -18.81
C LYS A 416 -29.16 17.18 -19.21
N GLU A 417 -29.76 16.92 -20.37
CA GLU A 417 -30.00 15.56 -20.83
C GLU A 417 -28.74 14.90 -21.38
N HIS A 418 -27.77 15.71 -21.74
CA HIS A 418 -26.47 15.21 -22.19
C HIS A 418 -25.34 15.98 -21.52
N ALA A 419 -25.28 15.93 -20.19
CA ALA A 419 -24.39 16.76 -19.43
C ALA A 419 -22.96 16.28 -19.54
N TYR A 420 -22.01 17.20 -19.38
CA TYR A 420 -20.63 16.83 -19.19
C TYR A 420 -20.38 16.37 -17.76
N MET A 421 -19.43 15.47 -17.59
CA MET A 421 -18.98 15.02 -16.29
C MET A 421 -17.68 15.67 -15.89
N ALA A 422 -17.52 15.88 -14.58
CA ALA A 422 -16.26 16.20 -13.97
C ALA A 422 -16.11 15.27 -12.80
N HIS A 423 -14.98 14.57 -12.75
CA HIS A 423 -14.86 13.47 -11.79
C HIS A 423 -13.43 13.06 -11.51
N CYS A 424 -13.25 12.39 -10.38
CA CYS A 424 -12.00 11.68 -10.12
C CYS A 424 -11.88 10.51 -11.12
N HIS A 425 -10.69 10.34 -11.69
CA HIS A 425 -10.47 9.23 -12.66
C HIS A 425 -9.84 8.00 -11.99
N LEU A 426 -9.83 7.98 -10.66
CA LEU A 426 -9.71 6.72 -9.94
C LEU A 426 -11.09 6.12 -10.03
N LEU A 427 -11.27 5.11 -10.89
CA LEU A 427 -12.60 4.77 -11.38
C LEU A 427 -13.52 4.32 -10.26
N GLU A 428 -12.97 3.68 -9.23
CA GLU A 428 -13.76 3.22 -8.11
C GLU A 428 -14.35 4.39 -7.29
N HIS A 429 -13.63 5.52 -7.27
CA HIS A 429 -14.14 6.75 -6.64
C HIS A 429 -15.28 7.32 -7.47
N GLU A 430 -15.10 7.38 -8.78
CA GLU A 430 -16.13 7.88 -9.66
C GLU A 430 -17.41 7.04 -9.50
N ASP A 431 -17.25 5.72 -9.49
CA ASP A 431 -18.39 4.80 -9.47
C ASP A 431 -19.19 4.81 -8.16
N THR A 432 -18.55 5.30 -7.10
CA THR A 432 -19.16 5.39 -5.79
C THR A 432 -19.45 6.84 -5.39
N GLY A 433 -19.45 7.74 -6.38
CA GLY A 433 -20.07 9.05 -6.22
C GLY A 433 -19.21 10.28 -6.48
N MET A 434 -17.91 10.12 -6.70
CA MET A 434 -17.01 11.28 -6.83
C MET A 434 -17.01 11.81 -8.27
N MET A 435 -18.17 12.35 -8.63
CA MET A 435 -18.45 12.84 -9.98
C MET A 435 -19.59 13.83 -9.89
N LEU A 436 -19.54 14.86 -10.74
CA LEU A 436 -20.68 15.74 -10.95
C LEU A 436 -20.96 15.88 -12.41
N GLY A 437 -22.19 16.24 -12.72
CA GLY A 437 -22.63 16.65 -14.04
C GLY A 437 -22.70 18.16 -14.09
N PHE A 438 -22.34 18.72 -15.22
CA PHE A 438 -22.53 20.14 -15.46
C PHE A 438 -22.97 20.42 -16.88
N THR A 439 -23.72 21.50 -17.06
CA THR A 439 -24.16 21.90 -18.37
C THR A 439 -23.25 22.98 -18.89
N VAL A 440 -23.24 23.15 -20.22
CA VAL A 440 -22.54 24.23 -20.89
C VAL A 440 -23.48 24.87 -21.87
N GLY A 441 -23.51 26.22 -21.83
CA GLY A 441 -24.39 27.01 -22.67
C GLY A 441 -25.81 26.90 -22.21
N HIS A 442 -26.70 26.81 -23.18
CA HIS A 442 -28.03 26.31 -22.95
C HIS A 442 -27.94 24.77 -22.82
N ARG B 3 21.42 14.99 17.26
CA ARG B 3 20.46 13.89 17.57
C ARG B 3 20.37 13.62 19.07
N PRO B 4 19.17 13.27 19.56
CA PRO B 4 19.03 12.90 20.97
C PRO B 4 19.67 11.55 21.25
N THR B 5 20.07 11.33 22.49
CA THR B 5 20.63 10.03 22.86
C THR B 5 19.51 9.02 22.94
N LEU B 6 19.80 7.79 22.50
CA LEU B 6 18.83 6.71 22.58
C LEU B 6 18.47 6.48 24.04
N PRO B 7 17.18 6.67 24.41
CA PRO B 7 16.75 6.35 25.77
C PRO B 7 16.86 4.87 26.04
N ILE B 8 17.20 4.52 27.27
CA ILE B 8 17.40 3.13 27.64
C ILE B 8 16.43 2.80 28.77
N PRO B 9 15.43 1.95 28.51
CA PRO B 9 14.51 1.49 29.56
C PRO B 9 15.29 0.92 30.75
N ASP B 10 14.86 1.23 31.97
CA ASP B 10 15.51 0.68 33.16
C ASP B 10 15.29 -0.81 33.23
N LEU B 11 16.35 -1.55 33.57
CA LEU B 11 16.27 -2.98 33.75
C LEU B 11 15.79 -3.25 35.19
N LEU B 12 14.51 -3.61 35.33
CA LEU B 12 13.83 -3.67 36.63
C LEU B 12 13.89 -5.07 37.22
N THR B 13 14.48 -5.19 38.40
CA THR B 13 14.61 -6.48 39.08
C THR B 13 13.80 -6.43 40.38
N THR B 14 13.63 -7.60 40.99
CA THR B 14 12.85 -7.73 42.23
C THR B 14 13.50 -7.06 43.44
N ASP B 15 12.66 -6.59 44.35
CA ASP B 15 13.10 -6.13 45.67
C ASP B 15 13.37 -7.34 46.56
N ALA B 16 13.67 -7.10 47.83
CA ALA B 16 14.02 -8.18 48.75
C ALA B 16 12.87 -9.17 49.01
N ARG B 17 11.65 -8.79 48.66
CA ARG B 17 10.49 -9.66 48.83
C ARG B 17 10.03 -10.33 47.54
N ASN B 18 10.86 -10.25 46.50
CA ASN B 18 10.59 -10.94 45.24
C ASN B 18 9.46 -10.29 44.44
N ARG B 19 9.31 -8.98 44.62
CA ARG B 19 8.19 -8.23 44.03
C ARG B 19 8.71 -7.12 43.13
N ILE B 20 7.86 -6.74 42.18
CA ILE B 20 8.08 -5.59 41.31
C ILE B 20 6.79 -4.78 41.30
N GLN B 21 6.90 -3.46 41.23
CA GLN B 21 5.73 -2.57 41.09
C GLN B 21 5.70 -1.93 39.70
N LEU B 22 4.54 -2.01 39.05
CA LEU B 22 4.31 -1.33 37.78
C LEU B 22 3.07 -0.47 37.93
N THR B 23 3.25 0.83 37.73
CA THR B 23 2.13 1.75 37.71
C THR B 23 1.81 2.10 36.26
N ILE B 24 0.54 2.05 35.92
CA ILE B 24 0.04 2.38 34.59
C ILE B 24 -0.60 3.75 34.69
N GLY B 25 -0.09 4.73 33.94
CA GLY B 25 -0.70 6.05 34.01
C GLY B 25 -0.33 7.01 32.90
N ALA B 26 -1.00 8.18 32.92
CA ALA B 26 -0.82 9.20 31.90
C ALA B 26 0.13 10.32 32.33
N GLY B 27 0.91 10.78 31.36
CA GLY B 27 1.90 11.83 31.54
C GLY B 27 2.08 12.59 30.23
N GLN B 28 3.25 13.20 30.07
CA GLN B 28 3.57 14.06 28.93
C GLN B 28 4.90 13.65 28.32
N SER B 29 4.97 13.70 26.99
CA SER B 29 6.22 13.50 26.28
C SER B 29 6.38 14.60 25.27
N THR B 30 7.59 14.78 24.77
CA THR B 30 7.87 15.76 23.73
C THR B 30 8.34 15.03 22.47
N PHE B 31 7.72 15.37 21.34
CA PHE B 31 8.12 14.86 20.03
C PHE B 31 8.28 16.03 19.08
N GLY B 32 9.47 16.16 18.50
CA GLY B 32 9.75 17.27 17.57
C GLY B 32 9.42 18.64 18.11
N GLY B 33 9.78 18.87 19.37
CA GLY B 33 9.54 20.14 20.05
C GLY B 33 8.11 20.38 20.53
N LYS B 34 7.23 19.40 20.36
CA LYS B 34 5.81 19.56 20.71
C LYS B 34 5.37 18.51 21.72
N THR B 35 4.74 18.97 22.81
CA THR B 35 4.28 18.07 23.86
C THR B 35 3.03 17.30 23.46
N ALA B 36 2.91 16.10 24.01
CA ALA B 36 1.78 15.21 23.79
C ALA B 36 1.44 14.48 25.08
N THR B 37 0.15 14.29 25.33
CA THR B 37 -0.28 13.34 26.34
C THR B 37 0.08 11.91 25.91
N THR B 38 0.80 11.21 26.78
CA THR B 38 1.23 9.84 26.53
C THR B 38 0.98 9.00 27.77
N TRP B 39 0.96 7.68 27.61
CA TRP B 39 0.76 6.74 28.70
C TRP B 39 2.00 5.90 28.84
N GLY B 40 2.37 5.54 30.07
CA GLY B 40 3.53 4.71 30.27
C GLY B 40 3.40 3.82 31.49
N TYR B 41 4.29 2.83 31.56
CA TYR B 41 4.49 2.02 32.75
C TYR B 41 5.67 2.58 33.51
N ASN B 42 5.49 2.89 34.81
CA ASN B 42 6.52 3.53 35.61
C ASN B 42 7.15 4.72 34.90
N GLY B 43 6.30 5.59 34.36
CA GLY B 43 6.75 6.78 33.63
C GLY B 43 5.74 7.25 32.61
N ASN B 44 6.14 8.22 31.80
CA ASN B 44 5.24 8.91 30.89
C ASN B 44 4.97 8.16 29.60
N LEU B 45 5.89 7.26 29.23
CA LEU B 45 5.90 6.63 27.91
C LEU B 45 6.65 5.31 27.94
N LEU B 46 6.17 4.34 27.18
CA LEU B 46 6.78 3.02 27.14
C LEU B 46 6.83 2.44 28.58
N GLY B 47 7.96 1.89 28.98
CA GLY B 47 8.01 1.09 30.19
C GLY B 47 9.39 0.54 30.41
N PRO B 48 9.62 -0.08 31.57
CA PRO B 48 10.90 -0.67 31.90
C PRO B 48 11.07 -2.03 31.24
N ALA B 49 12.28 -2.58 31.34
CA ALA B 49 12.53 -3.95 30.97
C ALA B 49 12.49 -4.79 32.25
N VAL B 50 11.45 -5.60 32.40
CA VAL B 50 11.33 -6.49 33.54
C VAL B 50 12.26 -7.67 33.37
N LYS B 51 13.14 -7.87 34.33
CA LYS B 51 14.09 -8.98 34.29
C LYS B 51 13.55 -10.20 35.03
N LEU B 52 13.56 -11.34 34.35
CA LEU B 52 13.05 -12.61 34.86
C LEU B 52 14.14 -13.66 34.74
N GLN B 53 14.03 -14.71 35.54
CA GLN B 53 15.03 -15.78 35.53
C GLN B 53 14.33 -17.11 35.45
N ARG B 54 14.79 -17.97 34.54
CA ARG B 54 14.19 -19.28 34.39
C ARG B 54 14.25 -20.03 35.71
N GLY B 55 13.13 -20.63 36.09
CA GLY B 55 13.05 -21.40 37.30
C GLY B 55 12.73 -20.62 38.56
N LYS B 56 12.56 -19.30 38.42
CA LYS B 56 12.22 -18.42 39.55
C LYS B 56 10.92 -17.67 39.29
N ALA B 57 10.37 -17.10 40.36
CA ALA B 57 9.08 -16.43 40.31
C ALA B 57 9.24 -14.97 40.66
N VAL B 58 8.43 -14.13 40.04
CA VAL B 58 8.36 -12.71 40.39
C VAL B 58 6.90 -12.39 40.61
N THR B 59 6.61 -11.65 41.68
CA THR B 59 5.24 -11.19 41.89
C THR B 59 5.18 -9.74 41.48
N VAL B 60 4.25 -9.45 40.57
CA VAL B 60 4.13 -8.10 40.01
C VAL B 60 2.87 -7.43 40.56
N ASP B 61 3.07 -6.30 41.24
CA ASP B 61 1.97 -5.47 41.77
C ASP B 61 1.67 -4.38 40.75
N ILE B 62 0.49 -4.44 40.17
CA ILE B 62 0.10 -3.57 39.04
C ILE B 62 -0.93 -2.56 39.53
N TYR B 63 -0.67 -1.28 39.29
CA TYR B 63 -1.54 -0.21 39.75
C TYR B 63 -2.01 0.57 38.53
N ASN B 64 -3.30 0.44 38.21
CA ASN B 64 -3.87 1.16 37.09
C ASN B 64 -4.29 2.58 37.49
N GLN B 65 -3.55 3.59 37.04
CA GLN B 65 -3.89 4.99 37.28
C GLN B 65 -4.57 5.66 36.09
N LEU B 66 -5.00 4.88 35.11
CA LEU B 66 -5.76 5.43 33.99
C LEU B 66 -7.24 5.57 34.33
N THR B 67 -7.93 6.42 33.59
CA THR B 67 -9.37 6.55 33.74
C THR B 67 -10.10 5.33 33.17
N GLU B 68 -9.49 4.63 32.22
CA GLU B 68 -10.15 3.46 31.66
C GLU B 68 -9.55 2.15 32.16
N GLU B 69 -10.36 1.10 32.04
CA GLU B 69 -9.92 -0.27 32.29
C GLU B 69 -8.73 -0.63 31.40
N THR B 70 -7.90 -1.53 31.88
CA THR B 70 -6.81 -2.07 31.09
C THR B 70 -6.47 -3.47 31.59
N THR B 71 -5.60 -4.14 30.85
CA THR B 71 -5.06 -5.46 31.23
C THR B 71 -3.57 -5.43 30.97
N LEU B 72 -2.83 -6.36 31.57
CA LEU B 72 -1.39 -6.40 31.34
C LEU B 72 -1.01 -7.80 30.88
N HIS B 73 -0.73 -7.91 29.58
CA HIS B 73 -0.40 -9.18 28.94
C HIS B 73 1.11 -9.29 28.74
N TRP B 74 1.65 -10.47 29.07
CA TRP B 74 3.07 -10.77 28.92
C TRP B 74 3.26 -11.55 27.62
N HIS B 75 3.45 -10.80 26.53
CA HIS B 75 3.54 -11.37 25.19
C HIS B 75 4.81 -12.22 25.04
N GLY B 76 4.62 -13.51 24.80
CA GLY B 76 5.72 -14.47 24.71
C GLY B 76 5.90 -15.37 25.92
N LEU B 77 5.26 -15.04 27.04
CA LEU B 77 5.47 -15.77 28.26
C LEU B 77 4.56 -16.99 28.32
N GLU B 78 5.14 -18.12 28.71
CA GLU B 78 4.43 -19.35 28.92
C GLU B 78 3.97 -19.42 30.37
N VAL B 79 2.79 -18.86 30.60
CA VAL B 79 2.16 -18.81 31.93
C VAL B 79 0.69 -19.26 31.82
N PRO B 80 0.07 -19.71 32.93
CA PRO B 80 -1.34 -20.07 32.92
C PRO B 80 -2.26 -18.92 32.48
N GLY B 81 -3.40 -19.28 31.91
CA GLY B 81 -4.41 -18.30 31.52
C GLY B 81 -4.76 -17.30 32.60
N GLU B 82 -4.82 -17.75 33.85
CA GLU B 82 -5.08 -16.87 35.01
C GLU B 82 -4.24 -15.59 35.06
N VAL B 83 -2.97 -15.70 34.68
CA VAL B 83 -2.07 -14.55 34.75
C VAL B 83 -1.64 -14.00 33.39
N ASP B 84 -2.28 -14.49 32.33
CA ASP B 84 -1.89 -14.14 30.95
C ASP B 84 -2.29 -12.72 30.61
N GLY B 85 -3.28 -12.17 31.31
CA GLY B 85 -3.63 -10.76 31.11
C GLY B 85 -4.25 -10.45 29.77
N GLY B 86 -5.02 -11.39 29.26
CA GLY B 86 -5.83 -11.15 28.08
C GLY B 86 -7.01 -10.29 28.47
N PRO B 87 -8.00 -10.16 27.56
CA PRO B 87 -9.09 -9.20 27.77
C PRO B 87 -9.94 -9.45 29.01
N GLN B 88 -9.92 -10.66 29.56
CA GLN B 88 -10.62 -10.98 30.80
C GLN B 88 -9.87 -10.58 32.07
N GLY B 89 -8.60 -10.20 31.97
CA GLY B 89 -7.78 -9.86 33.13
C GLY B 89 -7.86 -8.37 33.44
N ILE B 90 -9.09 -7.90 33.64
CA ILE B 90 -9.39 -6.48 33.80
C ILE B 90 -8.83 -5.89 35.10
N ILE B 91 -8.08 -4.79 34.97
CA ILE B 91 -7.66 -4.01 36.13
C ILE B 91 -8.49 -2.73 36.13
N PRO B 92 -9.36 -2.55 37.14
CA PRO B 92 -10.19 -1.36 37.18
C PRO B 92 -9.39 -0.06 37.28
N PRO B 93 -9.96 1.04 36.78
CA PRO B 93 -9.34 2.33 37.01
C PRO B 93 -9.10 2.54 38.52
N GLY B 94 -7.88 2.91 38.88
CA GLY B 94 -7.50 3.11 40.28
C GLY B 94 -7.29 1.81 41.04
N GLY B 95 -7.38 0.70 40.32
CA GLY B 95 -7.32 -0.63 40.92
C GLY B 95 -5.90 -1.15 41.01
N LYS B 96 -5.72 -2.12 41.89
CA LYS B 96 -4.44 -2.79 42.11
C LYS B 96 -4.67 -4.26 41.85
N ARG B 97 -3.74 -4.89 41.15
CA ARG B 97 -3.82 -6.32 40.89
C ARG B 97 -2.42 -6.91 40.94
N SER B 98 -2.32 -8.09 41.56
CA SER B 98 -1.06 -8.78 41.69
C SER B 98 -1.10 -10.12 40.92
N VAL B 99 -0.02 -10.41 40.21
CA VAL B 99 0.12 -11.69 39.53
C VAL B 99 1.50 -12.24 39.85
N THR B 100 1.57 -13.56 40.00
CA THR B 100 2.85 -14.21 40.18
C THR B 100 3.23 -14.95 38.91
N LEU B 101 4.40 -14.62 38.40
CA LEU B 101 4.93 -15.20 37.16
C LEU B 101 5.96 -16.27 37.52
N ASN B 102 5.60 -17.51 37.28
CA ASN B 102 6.47 -18.67 37.55
C ASN B 102 7.16 -18.97 36.22
N VAL B 103 8.36 -18.43 36.04
CA VAL B 103 9.01 -18.44 34.74
C VAL B 103 9.72 -19.76 34.47
N ASP B 104 9.35 -20.43 33.38
CA ASP B 104 10.03 -21.66 32.97
C ASP B 104 10.04 -21.78 31.46
N GLN B 105 10.94 -21.04 30.86
CA GLN B 105 11.16 -21.09 29.43
C GLN B 105 12.57 -20.52 29.18
N PRO B 106 13.13 -20.77 27.99
CA PRO B 106 14.46 -20.31 27.69
C PRO B 106 14.64 -18.78 27.71
N ALA B 107 15.88 -18.34 27.89
CA ALA B 107 16.21 -16.92 27.80
C ALA B 107 15.65 -16.35 26.52
N ALA B 108 15.04 -15.17 26.62
CA ALA B 108 14.41 -14.54 25.47
C ALA B 108 14.11 -13.09 25.81
N THR B 109 13.90 -12.28 24.79
CA THR B 109 13.35 -10.96 24.96
C THR B 109 11.89 -11.08 24.59
N CYS B 110 11.03 -11.02 25.60
CA CYS B 110 9.60 -10.93 25.42
C CYS B 110 9.20 -9.45 25.67
N TRP B 111 7.91 -9.18 25.73
CA TRP B 111 7.45 -7.83 26.01
C TRP B 111 6.10 -7.87 26.65
N PHE B 112 5.66 -6.70 27.11
CA PHE B 112 4.35 -6.63 27.68
C PHE B 112 3.59 -5.38 27.24
N HIS B 113 2.29 -5.50 27.23
CA HIS B 113 1.44 -4.49 26.64
C HIS B 113 -0.01 -4.73 27.03
N PRO B 114 -0.85 -3.72 26.84
CA PRO B 114 -2.25 -3.94 27.20
C PRO B 114 -3.03 -4.87 26.27
N HIS B 115 -4.12 -5.44 26.77
CA HIS B 115 -4.96 -6.30 25.95
C HIS B 115 -6.44 -6.01 26.20
N GLN B 116 -6.73 -4.76 26.53
CA GLN B 116 -8.11 -4.36 26.79
C GLN B 116 -9.01 -4.66 25.59
N HIS B 117 -10.16 -5.25 25.85
CA HIS B 117 -11.07 -5.69 24.79
C HIS B 117 -11.54 -4.52 23.91
N GLY B 118 -11.34 -4.66 22.60
CA GLY B 118 -11.77 -3.63 21.65
C GLY B 118 -10.91 -2.38 21.60
N LYS B 119 -9.94 -2.29 22.50
CA LYS B 119 -9.16 -1.06 22.68
C LYS B 119 -7.66 -1.24 22.78
N THR B 120 -7.16 -2.42 22.43
CA THR B 120 -5.73 -2.68 22.53
C THR B 120 -4.92 -1.74 21.64
N GLY B 121 -5.38 -1.54 20.41
CA GLY B 121 -4.72 -0.62 19.49
C GLY B 121 -4.54 0.77 20.08
N ARG B 122 -5.61 1.31 20.65
CA ARG B 122 -5.55 2.66 21.22
C ARG B 122 -4.57 2.73 22.41
N GLN B 123 -4.61 1.72 23.27
CA GLN B 123 -3.77 1.73 24.48
C GLN B 123 -2.29 1.59 24.13
N VAL B 124 -1.93 0.76 23.14
CA VAL B 124 -0.54 0.70 22.71
C VAL B 124 -0.15 2.02 22.01
N ALA B 125 -1.04 2.52 21.14
CA ALA B 125 -0.79 3.78 20.44
C ALA B 125 -0.48 4.94 21.40
N MET B 126 -1.15 4.96 22.54
CA MET B 126 -0.99 6.04 23.52
C MET B 126 0.34 5.95 24.26
N GLY B 127 1.03 4.80 24.19
CA GLY B 127 2.39 4.66 24.72
C GLY B 127 2.71 3.42 25.56
N LEU B 128 1.71 2.59 25.84
CA LEU B 128 1.92 1.47 26.74
C LEU B 128 2.61 0.29 26.07
N ALA B 129 3.87 0.09 26.42
CA ALA B 129 4.61 -1.13 26.10
C ALA B 129 5.83 -1.20 26.98
N GLY B 130 6.22 -2.41 27.34
CA GLY B 130 7.44 -2.62 28.08
C GLY B 130 8.11 -3.88 27.61
N LEU B 131 9.31 -4.13 28.11
CA LEU B 131 10.10 -5.29 27.70
C LEU B 131 10.18 -6.32 28.81
N VAL B 132 10.52 -7.54 28.43
CA VAL B 132 10.77 -8.62 29.36
C VAL B 132 12.07 -9.27 28.93
N VAL B 133 13.04 -9.31 29.83
CA VAL B 133 14.32 -9.92 29.58
C VAL B 133 14.37 -11.17 30.43
N ILE B 134 14.28 -12.33 29.80
CA ILE B 134 14.38 -13.58 30.52
C ILE B 134 15.81 -14.09 30.42
N GLU B 135 16.43 -14.38 31.55
CA GLU B 135 17.76 -15.00 31.57
C GLU B 135 17.70 -16.45 32.02
N ASP B 136 18.71 -17.23 31.63
CA ASP B 136 18.88 -18.61 32.06
C ASP B 136 20.37 -18.93 32.13
N ASP B 137 20.70 -20.15 32.58
CA ASP B 137 22.09 -20.58 32.73
C ASP B 137 22.81 -20.53 31.38
N GLU B 138 22.14 -21.08 30.38
CA GLU B 138 22.72 -21.29 29.09
C GLU B 138 23.24 -20.00 28.51
N ILE B 139 22.41 -18.97 28.50
CA ILE B 139 22.79 -17.74 27.81
C ILE B 139 23.94 -17.04 28.53
N LEU B 140 23.93 -17.07 29.85
CA LEU B 140 24.92 -16.35 30.64
C LEU B 140 26.35 -16.85 30.45
N LYS B 141 26.52 -18.09 30.05
CA LYS B 141 27.87 -18.59 29.76
C LYS B 141 28.37 -18.38 28.34
N LEU B 142 27.51 -17.86 27.45
CA LEU B 142 27.94 -17.52 26.09
C LEU B 142 28.83 -16.28 25.98
N MET B 143 28.80 -15.39 26.95
CA MET B 143 29.64 -14.17 26.83
C MET B 143 29.28 -13.30 25.61
N LEU B 144 27.97 -13.21 25.35
CA LEU B 144 27.41 -12.24 24.43
C LEU B 144 27.59 -10.86 25.03
N PRO B 145 27.45 -9.81 24.20
CA PRO B 145 27.36 -8.47 24.77
C PRO B 145 26.22 -8.40 25.77
N LYS B 146 26.51 -7.88 26.97
CA LYS B 146 25.52 -7.96 28.04
C LYS B 146 25.49 -6.76 28.99
N GLN B 147 26.15 -5.68 28.61
CA GLN B 147 26.15 -4.46 29.43
C GLN B 147 24.98 -3.60 28.98
N TRP B 148 23.93 -3.64 29.79
CA TRP B 148 22.66 -3.03 29.45
C TRP B 148 22.80 -1.55 29.20
N GLY B 149 22.32 -1.10 28.04
CA GLY B 149 22.46 0.31 27.63
C GLY B 149 23.80 0.75 27.09
N ILE B 150 24.74 -0.19 26.96
CA ILE B 150 26.07 0.10 26.44
C ILE B 150 26.28 -0.73 25.17
N ASP B 151 26.48 -2.03 25.33
CA ASP B 151 26.61 -2.93 24.17
C ASP B 151 25.47 -3.96 24.03
N ASP B 152 24.49 -3.90 24.94
CA ASP B 152 23.30 -4.75 24.90
C ASP B 152 22.15 -3.78 25.05
N VAL B 153 21.52 -3.45 23.93
CA VAL B 153 20.58 -2.33 23.90
C VAL B 153 19.22 -2.74 23.33
N PRO B 154 18.14 -2.41 24.04
CA PRO B 154 16.80 -2.60 23.53
C PRO B 154 16.47 -1.56 22.49
N VAL B 155 15.88 -1.99 21.36
CA VAL B 155 15.49 -1.08 20.31
C VAL B 155 14.02 -1.34 20.00
N ILE B 156 13.18 -0.52 20.61
CA ILE B 156 11.75 -0.62 20.43
C ILE B 156 11.33 0.37 19.34
N VAL B 157 10.94 -0.13 18.18
CA VAL B 157 10.64 0.69 17.03
C VAL B 157 9.13 0.80 16.79
N GLN B 158 8.62 2.02 16.75
CA GLN B 158 7.19 2.24 16.64
C GLN B 158 6.93 3.49 15.82
N ASP B 159 5.89 3.47 14.98
CA ASP B 159 5.45 4.68 14.33
C ASP B 159 4.29 5.28 15.11
N LYS B 160 4.07 6.58 14.92
CA LYS B 160 2.90 7.22 15.48
C LYS B 160 2.41 8.27 14.51
N LYS B 161 1.12 8.50 14.52
CA LYS B 161 0.56 9.66 13.84
C LYS B 161 0.09 10.70 14.84
N PHE B 162 0.49 11.92 14.58
CA PHE B 162 0.18 13.07 15.42
C PHE B 162 -0.66 14.06 14.65
N SER B 163 -1.56 14.72 15.39
CA SER B 163 -2.26 15.87 14.87
C SER B 163 -1.31 17.06 14.84
N ALA B 164 -1.73 18.11 14.14
CA ALA B 164 -0.98 19.36 14.08
C ALA B 164 -0.72 19.99 15.45
N ASP B 165 -1.59 19.70 16.43
CA ASP B 165 -1.44 20.27 17.77
C ASP B 165 -0.44 19.49 18.63
N GLY B 166 0.15 18.43 18.07
CA GLY B 166 1.20 17.66 18.74
C GLY B 166 0.74 16.38 19.43
N GLN B 167 -0.58 16.21 19.56
CA GLN B 167 -1.15 15.06 20.27
C GLN B 167 -1.26 13.83 19.38
N ILE B 168 -1.30 12.67 20.02
CA ILE B 168 -1.46 11.40 19.30
C ILE B 168 -2.89 11.33 18.72
N ASP B 169 -3.01 10.99 17.44
CA ASP B 169 -4.29 10.98 16.74
C ASP B 169 -4.72 9.54 16.45
N TYR B 170 -5.54 8.98 17.33
CA TYR B 170 -5.99 7.60 17.17
C TYR B 170 -7.50 7.55 17.09
N GLN B 171 -8.00 7.07 15.95
CA GLN B 171 -9.41 6.97 15.68
C GLN B 171 -9.66 5.66 14.94
N LEU B 172 -10.51 4.81 15.49
CA LEU B 172 -10.78 3.50 14.88
C LEU B 172 -11.90 3.62 13.84
N ASP B 173 -11.62 4.36 12.78
CA ASP B 173 -12.56 4.53 11.68
C ASP B 173 -12.43 3.37 10.70
N VAL B 174 -13.32 3.32 9.72
CA VAL B 174 -13.33 2.26 8.71
C VAL B 174 -11.95 1.96 8.11
N MET B 175 -11.21 3.01 7.71
CA MET B 175 -9.92 2.79 7.06
C MET B 175 -8.89 2.27 8.05
N THR B 176 -8.84 2.87 9.23
CA THR B 176 -7.94 2.45 10.29
C THR B 176 -8.20 0.99 10.68
N ALA B 177 -9.47 0.60 10.73
CA ALA B 177 -9.86 -0.76 11.10
C ALA B 177 -9.41 -1.80 10.07
N ALA B 178 -9.36 -1.38 8.81
CA ALA B 178 -9.09 -2.25 7.68
C ALA B 178 -7.61 -2.39 7.44
N VAL B 179 -6.92 -1.26 7.33
CA VAL B 179 -5.49 -1.25 7.00
C VAL B 179 -4.59 -1.20 8.22
N GLY B 180 -5.11 -0.71 9.34
CA GLY B 180 -4.31 -0.52 10.56
C GLY B 180 -4.01 0.95 10.82
N TRP B 181 -3.58 1.22 12.05
CA TRP B 181 -3.12 2.54 12.47
C TRP B 181 -1.63 2.66 12.19
N PHE B 182 -1.27 3.62 11.33
CA PHE B 182 0.14 3.90 11.05
C PHE B 182 0.32 5.40 10.93
N GLY B 183 1.56 5.85 10.99
CA GLY B 183 1.86 7.27 10.88
C GLY B 183 3.18 7.59 10.20
N ASP B 184 3.51 8.86 10.14
CA ASP B 184 4.68 9.36 9.40
C ASP B 184 5.89 9.67 10.29
N THR B 185 5.75 9.41 11.59
CA THR B 185 6.80 9.71 12.56
C THR B 185 7.28 8.42 13.15
N LEU B 186 8.59 8.20 13.11
CA LEU B 186 9.15 6.96 13.63
C LEU B 186 9.86 7.19 14.95
N LEU B 187 9.58 6.32 15.91
CA LEU B 187 10.13 6.43 17.26
C LEU B 187 10.99 5.21 17.58
N THR B 188 12.08 5.46 18.31
CA THR B 188 13.02 4.44 18.70
C THR B 188 13.22 4.62 20.20
N ASN B 189 12.65 3.70 20.97
CA ASN B 189 12.55 3.87 22.44
C ASN B 189 11.93 5.22 22.78
N GLY B 190 10.98 5.67 21.96
CA GLY B 190 10.23 6.90 22.22
C GLY B 190 10.83 8.16 21.61
N ALA B 191 12.05 8.06 21.07
CA ALA B 191 12.75 9.23 20.55
C ALA B 191 12.86 9.21 19.03
N ILE B 192 12.91 10.38 18.41
CA ILE B 192 12.97 10.48 16.95
C ILE B 192 14.41 10.45 16.48
N TYR B 193 14.77 9.40 15.75
CA TYR B 193 16.11 9.23 15.19
C TYR B 193 17.23 9.57 16.20
N PRO B 194 17.29 8.77 17.29
CA PRO B 194 18.31 9.02 18.30
C PRO B 194 19.65 8.41 17.89
N GLN B 195 20.71 8.78 18.62
CA GLN B 195 22.01 8.13 18.46
C GLN B 195 22.39 7.35 19.69
N HIS B 196 23.09 6.24 19.46
CA HIS B 196 23.62 5.42 20.52
C HIS B 196 25.13 5.32 20.43
N ALA B 197 25.78 5.66 21.52
CA ALA B 197 27.23 5.56 21.64
C ALA B 197 27.62 4.13 21.91
N ALA B 198 28.20 3.49 20.89
CA ALA B 198 28.53 2.08 21.00
C ALA B 198 30.02 1.85 21.09
N PRO B 199 30.44 1.06 22.09
CA PRO B 199 31.86 0.69 22.13
C PRO B 199 32.29 -0.20 20.95
N ARG B 200 33.59 -0.13 20.67
CA ARG B 200 34.22 -0.86 19.57
C ARG B 200 34.21 -2.37 19.81
N GLY B 201 33.72 -3.12 18.84
CA GLY B 201 33.53 -4.57 18.99
C GLY B 201 32.13 -5.01 18.54
N TRP B 202 31.51 -5.91 19.28
CA TRP B 202 30.14 -6.34 18.98
C TRP B 202 29.08 -5.54 19.75
N LEU B 203 28.03 -5.14 19.03
CA LEU B 203 26.86 -4.48 19.59
C LEU B 203 25.65 -5.41 19.45
N ARG B 204 24.99 -5.70 20.56
CA ARG B 204 23.77 -6.50 20.57
C ARG B 204 22.54 -5.58 20.62
N LEU B 205 21.65 -5.76 19.64
CA LEU B 205 20.38 -5.03 19.59
C LEU B 205 19.24 -6.00 19.81
N ARG B 206 18.34 -5.68 20.74
CA ARG B 206 17.13 -6.47 20.97
C ARG B 206 16.00 -5.70 20.30
N LEU B 207 15.71 -6.08 19.06
CA LEU B 207 14.73 -5.39 18.27
C LEU B 207 13.33 -5.85 18.57
N LEU B 208 12.42 -4.89 18.76
CA LEU B 208 11.01 -5.15 18.90
C LEU B 208 10.26 -4.27 17.93
N ASN B 209 9.43 -4.88 17.07
CA ASN B 209 8.50 -4.12 16.30
C ASN B 209 7.25 -3.90 17.14
N GLY B 210 7.17 -2.69 17.69
CA GLY B 210 6.06 -2.33 18.57
C GLY B 210 5.00 -1.52 17.88
N CYS B 211 4.99 -1.51 16.54
CA CYS B 211 3.99 -0.76 15.81
C CYS B 211 2.66 -1.49 15.92
N ASN B 212 1.56 -0.74 15.83
CA ASN B 212 0.23 -1.33 15.78
C ASN B 212 0.02 -2.19 14.55
N ALA B 213 0.51 -1.70 13.41
CA ALA B 213 0.12 -2.25 12.09
C ALA B 213 1.24 -2.27 11.07
N ARG B 214 2.29 -1.47 11.27
CA ARG B 214 3.39 -1.32 10.30
C ARG B 214 4.43 -2.44 10.45
N SER B 215 4.63 -3.24 9.39
CA SER B 215 5.75 -4.18 9.37
C SER B 215 7.03 -3.42 9.02
N LEU B 216 8.17 -3.95 9.47
CA LEU B 216 9.46 -3.28 9.32
C LEU B 216 10.47 -4.20 8.64
N ASN B 217 11.57 -3.65 8.17
CA ASN B 217 12.63 -4.48 7.56
C ASN B 217 13.99 -3.84 7.81
N PHE B 218 14.69 -4.35 8.81
CA PHE B 218 15.89 -3.69 9.28
C PHE B 218 17.12 -3.99 8.42
N ALA B 219 17.95 -2.98 8.25
CA ALA B 219 19.22 -3.10 7.56
C ALA B 219 20.13 -2.02 8.09
N THR B 220 21.36 -1.97 7.60
CA THR B 220 22.32 -0.96 8.02
C THR B 220 22.57 -0.02 6.83
N SER B 221 22.93 1.22 7.12
CA SER B 221 23.06 2.23 6.07
C SER B 221 24.16 1.90 5.09
N ASP B 222 25.22 1.23 5.55
CA ASP B 222 26.33 0.85 4.68
C ASP B 222 26.33 -0.63 4.34
N ASN B 223 25.20 -1.29 4.56
CA ASN B 223 24.97 -2.69 4.19
C ASN B 223 25.87 -3.69 4.90
N ARG B 224 26.34 -3.34 6.10
CA ARG B 224 27.05 -4.31 6.93
C ARG B 224 26.01 -5.31 7.44
N PRO B 225 26.41 -6.58 7.62
CA PRO B 225 25.46 -7.62 7.98
C PRO B 225 24.95 -7.50 9.41
N LEU B 226 23.77 -8.07 9.64
CA LEU B 226 23.24 -8.28 10.97
C LEU B 226 23.30 -9.76 11.25
N TYR B 227 23.73 -10.14 12.44
CA TYR B 227 23.83 -11.54 12.82
C TYR B 227 22.71 -11.85 13.79
N VAL B 228 21.72 -12.59 13.32
CA VAL B 228 20.55 -12.88 14.14
C VAL B 228 20.92 -13.99 15.13
N ILE B 229 20.74 -13.72 16.42
CA ILE B 229 21.05 -14.72 17.45
C ILE B 229 19.83 -15.24 18.20
N ALA B 230 18.70 -14.57 18.06
CA ALA B 230 17.49 -14.97 18.77
C ALA B 230 16.23 -14.45 18.10
N SER B 231 15.14 -15.18 18.32
CA SER B 231 13.81 -14.84 17.81
C SER B 231 12.86 -14.66 19.02
N ASP B 232 11.55 -14.61 18.76
CA ASP B 232 10.56 -14.34 19.81
C ASP B 232 10.85 -15.12 21.09
N GLY B 233 11.09 -16.42 20.93
CA GLY B 233 11.11 -17.34 22.05
C GLY B 233 12.49 -17.71 22.53
N GLY B 234 13.53 -17.10 21.95
CA GLY B 234 14.89 -17.27 22.43
C GLY B 234 15.95 -17.52 21.38
N LEU B 235 17.10 -17.99 21.84
CA LEU B 235 18.28 -18.16 20.97
C LEU B 235 17.99 -19.13 19.84
N LEU B 236 18.59 -18.83 18.69
CA LEU B 236 18.73 -19.76 17.60
C LEU B 236 19.86 -20.74 17.94
N PRO B 237 19.95 -21.87 17.21
CA PRO B 237 21.05 -22.77 17.48
C PRO B 237 22.41 -22.15 17.12
N GLU B 238 22.45 -21.40 16.03
CA GLU B 238 23.65 -20.66 15.65
C GLU B 238 23.27 -19.32 15.03
N PRO B 239 24.22 -18.37 15.00
CA PRO B 239 23.87 -17.09 14.39
C PRO B 239 23.50 -17.25 12.92
N VAL B 240 22.55 -16.44 12.46
CA VAL B 240 22.17 -16.41 11.05
C VAL B 240 22.50 -15.04 10.49
N LYS B 241 23.42 -14.98 9.53
CA LYS B 241 23.82 -13.72 8.90
C LYS B 241 22.76 -13.30 7.90
N VAL B 242 22.31 -12.06 8.00
CA VAL B 242 21.38 -11.48 7.04
C VAL B 242 21.83 -10.10 6.65
N SER B 243 21.44 -9.67 5.45
CA SER B 243 21.62 -8.29 5.01
C SER B 243 20.37 -7.46 5.31
N GLU B 244 19.22 -8.13 5.46
CA GLU B 244 17.97 -7.49 5.82
C GLU B 244 17.15 -8.38 6.75
N LEU B 245 16.37 -7.77 7.64
CA LEU B 245 15.59 -8.51 8.64
C LEU B 245 14.16 -8.02 8.75
N PRO B 246 13.23 -8.63 8.02
CA PRO B 246 11.80 -8.37 8.24
C PRO B 246 11.35 -8.71 9.66
N VAL B 247 10.61 -7.78 10.27
CA VAL B 247 10.09 -7.98 11.60
C VAL B 247 8.63 -7.57 11.59
N LEU B 248 7.76 -8.53 11.87
CA LEU B 248 6.33 -8.32 11.91
C LEU B 248 5.93 -7.71 13.26
N MET B 249 4.72 -7.18 13.30
CA MET B 249 4.21 -6.51 14.50
C MET B 249 4.18 -7.47 15.66
N GLY B 250 4.87 -7.09 16.75
CA GLY B 250 4.91 -7.88 17.95
C GLY B 250 6.08 -8.86 18.03
N GLU B 251 6.81 -9.02 16.92
CA GLU B 251 7.97 -9.92 16.91
C GLU B 251 9.18 -9.25 17.53
N ARG B 252 10.07 -10.09 18.06
CA ARG B 252 11.40 -9.68 18.48
C ARG B 252 12.45 -10.51 17.78
N PHE B 253 13.58 -9.86 17.50
CA PHE B 253 14.80 -10.56 17.11
C PHE B 253 15.97 -9.86 17.79
N GLU B 254 16.92 -10.64 18.27
CA GLU B 254 18.16 -10.08 18.76
C GLU B 254 19.23 -10.27 17.68
N VAL B 255 19.99 -9.22 17.41
CA VAL B 255 21.02 -9.25 16.40
C VAL B 255 22.32 -8.74 17.01
N LEU B 256 23.44 -9.24 16.49
CA LEU B 256 24.73 -8.61 16.72
C LEU B 256 25.18 -7.89 15.44
N VAL B 257 25.79 -6.73 15.61
CA VAL B 257 26.27 -5.94 14.49
C VAL B 257 27.66 -5.44 14.86
N GLU B 258 28.53 -5.33 13.87
CA GLU B 258 29.91 -4.95 14.12
C GLU B 258 30.02 -3.43 14.28
N VAL B 259 30.87 -2.99 15.21
CA VAL B 259 31.19 -1.57 15.40
C VAL B 259 32.71 -1.34 15.34
N ASN B 260 33.12 -0.55 14.37
CA ASN B 260 34.52 -0.13 14.22
C ASN B 260 34.59 1.40 14.24
N ASP B 261 35.64 1.93 14.87
CA ASP B 261 35.78 3.38 15.10
C ASP B 261 35.83 4.16 13.80
N ASN B 262 35.68 5.48 13.91
CA ASN B 262 35.78 6.40 12.78
C ASN B 262 34.84 6.04 11.62
N LYS B 263 33.80 5.28 11.94
CA LYS B 263 32.88 4.80 10.93
C LYS B 263 31.49 4.66 11.57
N PRO B 264 30.79 5.79 11.75
CA PRO B 264 29.40 5.75 12.19
C PRO B 264 28.48 5.18 11.11
N PHE B 265 27.33 4.66 11.51
CA PHE B 265 26.34 4.17 10.57
C PHE B 265 24.94 4.16 11.19
N ASP B 266 23.93 4.11 10.32
CA ASP B 266 22.53 4.02 10.77
C ASP B 266 21.99 2.58 10.71
N LEU B 267 21.20 2.21 11.72
CA LEU B 267 20.21 1.15 11.57
C LEU B 267 19.03 1.80 10.84
N VAL B 268 18.55 1.15 9.80
CA VAL B 268 17.48 1.70 8.96
C VAL B 268 16.37 0.66 8.81
N THR B 269 15.20 1.12 8.40
CA THR B 269 14.13 0.23 7.93
C THR B 269 13.81 0.46 6.43
N LEU B 270 13.74 -0.64 5.68
CA LEU B 270 13.54 -0.60 4.23
C LEU B 270 12.06 -0.63 3.89
N PRO B 271 11.66 0.02 2.79
CA PRO B 271 10.25 -0.02 2.42
C PRO B 271 9.71 -1.45 2.33
N VAL B 272 8.52 -1.66 2.88
CA VAL B 272 7.90 -2.99 2.94
C VAL B 272 6.76 -3.07 1.92
N SER B 273 6.33 -4.30 1.67
CA SER B 273 5.19 -4.60 0.83
C SER B 273 3.98 -4.81 1.71
N GLN B 274 3.22 -3.75 1.94
CA GLN B 274 2.06 -3.83 2.81
C GLN B 274 1.20 -2.60 2.66
N MET B 275 -0.12 -2.79 2.57
CA MET B 275 -1.06 -1.69 2.37
C MET B 275 -0.79 -0.57 3.37
N GLY B 276 -0.53 0.62 2.84
CA GLY B 276 -0.34 1.83 3.66
C GLY B 276 1.08 2.17 4.03
N MET B 277 1.94 1.15 4.08
CA MET B 277 3.24 1.27 4.75
C MET B 277 4.40 1.82 3.89
N ALA B 278 4.26 1.79 2.57
CA ALA B 278 5.29 2.35 1.70
C ALA B 278 4.90 3.73 1.11
N ILE B 279 3.93 4.37 1.74
CA ILE B 279 3.62 5.76 1.46
C ILE B 279 4.65 6.64 2.16
N ALA B 280 5.09 7.70 1.49
CA ALA B 280 6.06 8.63 2.07
C ALA B 280 5.65 9.01 3.51
N PRO B 281 6.63 9.14 4.43
CA PRO B 281 8.08 9.09 4.23
C PRO B 281 8.72 7.70 4.29
N PHE B 282 7.91 6.66 4.24
CA PHE B 282 8.42 5.29 4.27
C PHE B 282 8.55 4.64 2.89
N ASP B 283 8.52 5.48 1.86
CA ASP B 283 8.72 5.04 0.48
C ASP B 283 10.20 4.85 0.13
N LYS B 284 11.07 5.20 1.06
CA LYS B 284 12.51 5.01 0.90
C LYS B 284 13.05 4.50 2.22
N PRO B 285 14.32 4.03 2.22
CA PRO B 285 14.94 3.62 3.48
C PRO B 285 14.82 4.74 4.51
N HIS B 286 14.43 4.38 5.72
CA HIS B 286 14.14 5.35 6.76
C HIS B 286 15.04 5.07 7.95
N PRO B 287 15.86 6.05 8.36
CA PRO B 287 16.68 5.80 9.55
C PRO B 287 15.86 5.50 10.80
N VAL B 288 16.43 4.61 11.62
CA VAL B 288 15.83 4.18 12.89
C VAL B 288 16.67 4.75 14.02
N MET B 289 17.99 4.60 13.92
CA MET B 289 18.92 5.22 14.88
C MET B 289 20.34 5.24 14.35
N ARG B 290 21.11 6.21 14.84
CA ARG B 290 22.54 6.33 14.54
C ARG B 290 23.35 5.49 15.52
N ILE B 291 24.30 4.72 15.01
CA ILE B 291 25.27 4.04 15.86
C ILE B 291 26.61 4.76 15.73
N GLN B 292 27.05 5.33 16.84
CA GLN B 292 28.25 6.12 16.90
C GLN B 292 29.32 5.37 17.66
N PRO B 293 30.36 4.87 16.96
CA PRO B 293 31.45 4.18 17.66
C PRO B 293 32.25 5.07 18.61
N ILE B 294 32.57 4.52 19.79
CA ILE B 294 33.44 5.19 20.77
C ILE B 294 34.72 4.39 20.90
N ALA B 295 35.81 5.07 21.25
CA ALA B 295 37.12 4.42 21.39
C ALA B 295 37.18 3.35 22.48
N ILE B 296 36.17 3.30 23.35
CA ILE B 296 36.10 2.29 24.39
C ILE B 296 35.74 0.97 23.70
N SER B 297 36.43 -0.09 24.10
CA SER B 297 36.29 -1.39 23.44
C SER B 297 35.32 -2.27 24.23
N ALA B 298 34.48 -2.98 23.50
CA ALA B 298 33.53 -3.92 24.08
C ALA B 298 34.07 -5.34 23.94
N SER B 299 33.77 -6.18 24.92
CA SER B 299 34.36 -7.52 25.05
C SER B 299 33.38 -8.67 24.75
N GLY B 300 32.18 -8.34 24.30
CA GLY B 300 31.21 -9.37 23.93
C GLY B 300 31.65 -10.08 22.67
N ALA B 301 31.16 -11.30 22.49
CA ALA B 301 31.51 -12.10 21.33
C ALA B 301 30.27 -12.59 20.61
N LEU B 302 30.49 -13.05 19.37
CA LEU B 302 29.47 -13.74 18.58
C LEU B 302 29.87 -15.21 18.57
N PRO B 303 29.27 -16.03 19.45
CA PRO B 303 29.64 -17.45 19.48
C PRO B 303 29.22 -18.20 18.21
N ASP B 304 30.00 -19.21 17.82
CA ASP B 304 29.63 -20.03 16.67
C ASP B 304 28.39 -20.86 16.92
N THR B 305 28.21 -21.28 18.17
CA THR B 305 27.08 -22.09 18.58
C THR B 305 26.44 -21.41 19.77
N LEU B 306 25.13 -21.25 19.72
CA LEU B 306 24.39 -20.53 20.75
C LEU B 306 23.58 -21.43 21.67
N SER B 307 22.89 -22.41 21.07
CA SER B 307 21.91 -23.22 21.78
C SER B 307 21.67 -24.49 20.96
N SER B 308 20.89 -25.40 21.54
CA SER B 308 20.43 -26.62 20.90
C SER B 308 18.94 -26.47 20.67
N LEU B 309 18.50 -26.67 19.42
CA LEU B 309 17.09 -26.66 19.06
C LEU B 309 16.60 -28.11 19.01
N PRO B 310 15.52 -28.45 19.73
CA PRO B 310 15.10 -29.85 19.71
C PRO B 310 14.50 -30.23 18.37
N ALA B 311 14.62 -31.52 18.03
CA ALA B 311 14.09 -32.02 16.78
C ALA B 311 12.59 -32.02 16.84
N LEU B 312 11.94 -31.84 15.69
CA LEU B 312 10.50 -31.94 15.64
C LEU B 312 10.09 -33.39 15.96
N PRO B 313 8.94 -33.54 16.61
CA PRO B 313 8.37 -34.84 16.85
C PRO B 313 7.76 -35.37 15.57
N SER B 314 7.34 -36.63 15.58
CA SER B 314 6.52 -37.14 14.51
C SER B 314 5.26 -36.31 14.43
N LEU B 315 4.82 -36.04 13.21
CA LEU B 315 3.68 -35.18 12.96
C LEU B 315 2.40 -35.99 12.80
N GLU B 316 2.53 -37.31 12.64
CA GLU B 316 1.38 -38.17 12.42
C GLU B 316 0.67 -38.44 13.74
N GLY B 317 -0.66 -38.45 13.71
CA GLY B 317 -1.46 -38.70 14.90
C GLY B 317 -1.80 -37.47 15.73
N LEU B 318 -1.25 -36.31 15.37
CA LEU B 318 -1.48 -35.10 16.16
C LEU B 318 -2.79 -34.42 15.77
N THR B 319 -3.41 -33.78 16.75
CA THR B 319 -4.62 -33.02 16.53
C THR B 319 -4.33 -31.89 15.54
N VAL B 320 -5.24 -31.69 14.59
CA VAL B 320 -5.14 -30.57 13.66
C VAL B 320 -6.27 -29.62 13.95
N ARG B 321 -5.95 -28.34 14.08
CA ARG B 321 -6.95 -27.29 14.25
C ARG B 321 -6.80 -26.30 13.10
N LYS B 322 -7.92 -25.95 12.46
CA LYS B 322 -7.87 -25.03 11.34
C LYS B 322 -8.56 -23.73 11.72
N LEU B 323 -7.86 -22.62 11.49
CA LEU B 323 -8.33 -21.29 11.82
C LEU B 323 -8.36 -20.44 10.56
N GLN B 324 -9.56 -20.02 10.15
CA GLN B 324 -9.75 -19.27 8.91
C GLN B 324 -9.97 -17.78 9.19
N LEU B 325 -9.04 -16.95 8.75
CA LEU B 325 -9.13 -15.49 8.92
C LEU B 325 -9.97 -14.89 7.79
N SER B 326 -10.82 -13.93 8.12
CA SER B 326 -11.60 -13.22 7.11
C SER B 326 -11.91 -11.79 7.50
N MET B 327 -12.28 -11.01 6.48
CA MET B 327 -12.66 -9.60 6.64
C MET B 327 -13.90 -9.38 5.78
N ASP B 328 -15.06 -9.19 6.41
CA ASP B 328 -16.32 -8.97 5.69
C ASP B 328 -16.89 -7.61 6.10
N GLY B 329 -16.93 -6.68 5.17
CA GLY B 329 -17.28 -5.29 5.49
C GLY B 329 -16.28 -4.77 6.50
N GLY B 330 -16.78 -4.18 7.59
CA GLY B 330 -15.93 -3.78 8.71
C GLY B 330 -15.65 -4.88 9.72
N ALA B 331 -16.21 -6.07 9.47
CA ALA B 331 -16.20 -7.16 10.43
C ALA B 331 -15.09 -8.17 10.17
N ASN B 332 -14.06 -8.13 10.99
CA ASN B 332 -12.97 -9.07 10.89
C ASN B 332 -13.27 -10.27 11.78
N LYS B 333 -12.89 -11.47 11.34
CA LYS B 333 -13.35 -12.72 11.98
C LYS B 333 -12.34 -13.86 11.87
N ILE B 334 -12.53 -14.85 12.73
CA ILE B 334 -11.85 -16.14 12.61
C ILE B 334 -12.93 -17.23 12.62
N ASN B 335 -12.86 -18.12 11.65
CA ASN B 335 -13.86 -19.20 11.48
C ASN B 335 -15.28 -18.63 11.46
N GLY B 336 -15.45 -17.52 10.76
CA GLY B 336 -16.76 -16.91 10.58
C GLY B 336 -17.33 -16.22 11.81
N GLN B 337 -16.48 -15.96 12.79
CA GLN B 337 -16.93 -15.44 14.08
C GLN B 337 -16.02 -14.31 14.56
N ALA B 338 -16.61 -13.16 14.88
CA ALA B 338 -15.88 -12.08 15.53
C ALA B 338 -15.62 -12.53 16.96
N PHE B 339 -14.50 -12.09 17.52
CA PHE B 339 -14.13 -12.48 18.89
C PHE B 339 -15.31 -12.40 19.87
N ASP B 340 -15.50 -13.49 20.61
CA ASP B 340 -16.50 -13.56 21.68
C ASP B 340 -15.78 -13.89 22.98
N MET B 341 -15.67 -12.90 23.86
CA MET B 341 -14.94 -13.06 25.12
C MET B 341 -15.61 -14.05 26.07
N ASN B 342 -16.88 -14.35 25.84
CA ASN B 342 -17.65 -15.26 26.68
C ASN B 342 -17.73 -16.70 26.13
N LYS B 343 -17.21 -16.93 24.93
CA LYS B 343 -17.36 -18.25 24.31
C LYS B 343 -16.06 -18.68 23.62
N PRO B 344 -15.19 -19.41 24.34
CA PRO B 344 -13.98 -19.93 23.71
C PRO B 344 -14.31 -20.86 22.55
N MET B 345 -13.54 -20.75 21.47
CA MET B 345 -13.85 -21.49 20.24
C MET B 345 -13.58 -22.99 20.38
N PHE B 346 -12.50 -23.33 21.05
CA PHE B 346 -12.18 -24.74 21.27
C PHE B 346 -11.35 -24.90 22.54
N ALA B 347 -11.20 -26.16 22.95
CA ALA B 347 -10.35 -26.53 24.08
C ALA B 347 -9.18 -27.36 23.57
N ALA B 348 -7.98 -26.84 23.76
CA ALA B 348 -6.76 -27.53 23.39
C ALA B 348 -6.28 -28.41 24.56
N ALA B 349 -5.39 -29.35 24.26
CA ALA B 349 -4.93 -30.30 25.27
C ALA B 349 -3.60 -29.82 25.82
N LYS B 350 -3.45 -29.82 27.14
CA LYS B 350 -2.17 -29.45 27.74
C LYS B 350 -1.14 -30.54 27.49
N GLY B 351 0.09 -30.12 27.22
CA GLY B 351 1.19 -31.09 27.12
C GLY B 351 1.21 -31.97 25.89
N GLN B 352 0.41 -31.64 24.88
CA GLN B 352 0.35 -32.41 23.64
C GLN B 352 0.70 -31.52 22.46
N TYR B 353 1.53 -32.01 21.55
CA TYR B 353 1.77 -31.26 20.33
C TYR B 353 0.49 -31.24 19.47
N GLU B 354 0.17 -30.06 18.94
CA GLU B 354 -0.94 -29.91 17.99
C GLU B 354 -0.45 -29.17 16.76
N ARG B 355 -1.06 -29.44 15.62
CA ARG B 355 -0.80 -28.70 14.39
C ARG B 355 -1.94 -27.71 14.16
N TRP B 356 -1.60 -26.42 14.16
CA TRP B 356 -2.59 -25.38 13.91
C TRP B 356 -2.32 -24.83 12.53
N VAL B 357 -3.37 -24.85 11.71
CA VAL B 357 -3.30 -24.38 10.32
C VAL B 357 -4.09 -23.07 10.26
N ILE B 358 -3.42 -21.99 9.89
CA ILE B 358 -4.03 -20.67 9.83
C ILE B 358 -4.05 -20.18 8.40
N SER B 359 -5.27 -19.93 7.90
CA SER B 359 -5.49 -19.57 6.52
C SER B 359 -5.92 -18.10 6.38
N GLY B 360 -5.28 -17.41 5.45
CA GLY B 360 -5.69 -16.07 5.03
C GLY B 360 -6.25 -16.09 3.61
N VAL B 361 -6.64 -17.28 3.15
CA VAL B 361 -7.35 -17.42 1.88
C VAL B 361 -8.66 -16.69 2.04
N GLY B 362 -8.78 -15.56 1.36
CA GLY B 362 -9.95 -14.69 1.47
C GLY B 362 -9.54 -13.26 1.15
N ASP B 363 -8.49 -12.78 1.80
CA ASP B 363 -7.98 -11.42 1.49
C ASP B 363 -6.47 -11.44 1.30
N MET B 364 -5.93 -10.28 0.94
CA MET B 364 -4.50 -10.13 0.71
C MET B 364 -3.80 -9.26 1.77
N MET B 365 -4.48 -8.99 2.88
CA MET B 365 -3.87 -8.20 3.98
C MET B 365 -2.83 -9.01 4.76
N LEU B 366 -1.95 -8.31 5.46
CA LEU B 366 -0.91 -8.94 6.28
C LEU B 366 -1.44 -9.20 7.70
N HIS B 367 -1.44 -10.46 8.13
CA HIS B 367 -1.91 -10.84 9.46
C HIS B 367 -0.81 -11.60 10.19
N PRO B 368 -0.02 -10.91 11.02
CA PRO B 368 0.92 -11.65 11.86
C PRO B 368 0.15 -12.36 12.97
N PHE B 369 0.05 -13.68 12.89
CA PHE B 369 -0.84 -14.43 13.77
C PHE B 369 -0.09 -14.87 15.01
N HIS B 370 -0.64 -14.47 16.16
CA HIS B 370 -0.03 -14.69 17.45
C HIS B 370 -0.90 -15.61 18.30
N ILE B 371 -0.27 -16.58 18.94
CA ILE B 371 -0.94 -17.52 19.83
C ILE B 371 -0.38 -17.36 21.25
N HIS B 372 -1.26 -17.05 22.21
CA HIS B 372 -0.84 -16.89 23.60
C HIS B 372 -0.42 -18.22 24.21
N GLY B 373 0.41 -18.15 25.26
CA GLY B 373 0.66 -19.29 26.12
C GLY B 373 1.71 -20.28 25.66
N THR B 374 2.45 -19.92 24.63
CA THR B 374 3.30 -20.88 23.94
C THR B 374 4.45 -20.23 23.21
N GLN B 375 5.52 -20.99 23.01
CA GLN B 375 6.45 -20.69 21.94
C GLN B 375 6.40 -21.92 21.05
N PHE B 376 6.11 -21.68 19.78
CA PHE B 376 5.89 -22.74 18.81
C PHE B 376 6.96 -22.82 17.74
N ARG B 377 6.85 -23.83 16.88
CA ARG B 377 7.76 -24.00 15.76
C ARG B 377 6.94 -23.83 14.50
N ILE B 378 7.43 -23.00 13.58
CA ILE B 378 6.77 -22.84 12.29
C ILE B 378 7.11 -24.03 11.37
N LEU B 379 6.07 -24.66 10.84
CA LEU B 379 6.26 -25.74 9.86
C LEU B 379 6.19 -25.18 8.44
N SER B 380 5.18 -24.36 8.18
CA SER B 380 5.05 -23.63 6.92
C SER B 380 4.63 -22.20 7.24
N GLU B 381 5.34 -21.23 6.67
CA GLU B 381 4.97 -19.84 6.83
C GLU B 381 4.44 -19.30 5.51
N ASN B 382 3.13 -19.08 5.44
CA ASN B 382 2.50 -18.52 4.28
C ASN B 382 2.85 -19.24 2.96
N GLY B 383 2.95 -20.57 3.03
CA GLY B 383 3.18 -21.39 1.85
C GLY B 383 4.64 -21.75 1.56
N LYS B 384 5.56 -21.32 2.43
CA LYS B 384 6.99 -21.58 2.28
C LYS B 384 7.57 -22.08 3.59
N PRO B 385 8.68 -22.84 3.53
CA PRO B 385 9.34 -23.16 4.78
C PRO B 385 9.89 -21.90 5.46
N PRO B 386 9.96 -21.92 6.79
CA PRO B 386 10.47 -20.72 7.47
C PRO B 386 11.94 -20.47 7.14
N ALA B 387 12.26 -19.20 6.96
CA ALA B 387 13.65 -18.78 6.85
C ALA B 387 14.43 -19.26 8.06
N ALA B 388 15.72 -19.46 7.89
CA ALA B 388 16.57 -20.02 8.95
C ALA B 388 16.40 -19.31 10.30
N HIS B 389 16.37 -17.99 10.27
CA HIS B 389 16.27 -17.21 11.52
C HIS B 389 14.85 -17.21 12.09
N ARG B 390 13.90 -17.76 11.33
CA ARG B 390 12.51 -17.86 11.74
C ARG B 390 12.10 -19.32 12.05
N ALA B 391 13.08 -20.23 12.06
CA ALA B 391 12.83 -21.66 12.23
C ALA B 391 12.95 -22.17 13.66
N GLY B 392 13.25 -21.26 14.59
CA GLY B 392 13.37 -21.59 16.00
C GLY B 392 12.07 -21.30 16.73
N TRP B 393 12.19 -20.70 17.92
CA TRP B 393 11.04 -20.48 18.77
C TRP B 393 10.34 -19.17 18.39
N LYS B 394 9.08 -19.27 18.02
CA LYS B 394 8.26 -18.15 17.56
C LYS B 394 6.91 -18.13 18.29
N ASP B 395 6.36 -16.93 18.48
CA ASP B 395 4.99 -16.80 18.96
C ASP B 395 4.08 -16.13 17.93
N THR B 396 4.66 -15.86 16.75
CA THR B 396 4.00 -15.17 15.68
C THR B 396 4.35 -15.83 14.35
N VAL B 397 3.39 -15.93 13.44
CA VAL B 397 3.65 -16.48 12.09
C VAL B 397 2.91 -15.65 11.07
N LYS B 398 3.56 -15.38 9.93
CA LYS B 398 2.97 -14.58 8.87
C LYS B 398 1.84 -15.33 8.18
N VAL B 399 0.70 -14.67 8.02
CA VAL B 399 -0.38 -15.14 7.19
C VAL B 399 -0.73 -14.00 6.25
N GLU B 400 -0.64 -14.22 4.95
CA GLU B 400 -0.89 -13.17 3.98
C GLU B 400 -1.28 -13.79 2.65
N GLY B 401 -2.57 -14.08 2.51
CA GLY B 401 -3.14 -14.59 1.26
C GLY B 401 -2.82 -16.05 0.99
N ASN B 402 -2.25 -16.72 1.98
CA ASN B 402 -1.86 -18.12 1.86
C ASN B 402 -2.12 -18.79 3.23
N VAL B 403 -1.49 -19.93 3.47
CA VAL B 403 -1.77 -20.75 4.64
C VAL B 403 -0.48 -21.00 5.41
N SER B 404 -0.56 -20.93 6.74
CA SER B 404 0.57 -21.22 7.58
C SER B 404 0.24 -22.41 8.48
N GLU B 405 1.28 -23.09 8.94
CA GLU B 405 1.11 -24.22 9.83
C GLU B 405 2.17 -24.15 10.90
N VAL B 406 1.73 -24.29 12.15
CA VAL B 406 2.65 -24.26 13.27
C VAL B 406 2.41 -25.47 14.16
N LEU B 407 3.47 -25.88 14.84
CA LEU B 407 3.44 -26.97 15.79
C LEU B 407 3.55 -26.36 17.19
N VAL B 408 2.47 -26.51 17.95
CA VAL B 408 2.31 -25.87 19.26
C VAL B 408 2.14 -26.88 20.37
N LYS B 409 2.62 -26.51 21.54
CA LYS B 409 2.38 -27.28 22.75
C LYS B 409 2.18 -26.25 23.85
N PHE B 410 1.14 -26.47 24.65
CA PHE B 410 0.84 -25.60 25.79
C PHE B 410 1.22 -26.30 27.08
N ASN B 411 2.09 -25.66 27.86
CA ASN B 411 2.55 -26.20 29.13
C ASN B 411 1.64 -25.91 30.31
N HIS B 412 0.61 -25.06 30.12
CA HIS B 412 -0.24 -24.62 31.22
C HIS B 412 -1.68 -24.57 30.80
N ASP B 413 -2.57 -24.65 31.79
CA ASP B 413 -4.01 -24.63 31.56
C ASP B 413 -4.50 -23.20 31.44
N ALA B 414 -5.64 -23.06 30.80
CA ALA B 414 -6.37 -21.79 30.74
C ALA B 414 -7.85 -22.14 30.72
N PRO B 415 -8.60 -21.77 31.78
CA PRO B 415 -10.04 -22.05 31.87
C PRO B 415 -10.84 -21.03 31.09
N LYS B 416 -12.13 -21.28 30.95
CA LYS B 416 -13.00 -20.36 30.20
C LYS B 416 -12.98 -18.93 30.76
N GLU B 417 -12.85 -18.79 32.07
CA GLU B 417 -12.86 -17.48 32.74
C GLU B 417 -11.59 -16.68 32.50
N HIS B 418 -10.52 -17.36 32.09
CA HIS B 418 -9.25 -16.71 31.80
C HIS B 418 -8.57 -17.44 30.65
N ALA B 419 -9.23 -17.36 29.51
CA ALA B 419 -8.81 -18.08 28.32
C ALA B 419 -7.59 -17.45 27.64
N TYR B 420 -6.88 -18.27 26.88
CA TYR B 420 -5.82 -17.79 26.00
C TYR B 420 -6.45 -17.21 24.74
N MET B 421 -5.77 -16.24 24.15
CA MET B 421 -6.17 -15.66 22.88
C MET B 421 -5.28 -16.16 21.75
N ALA B 422 -5.88 -16.24 20.57
CA ALA B 422 -5.12 -16.41 19.34
C ALA B 422 -5.67 -15.38 18.37
N HIS B 423 -4.79 -14.56 17.80
CA HIS B 423 -5.26 -13.40 17.06
C HIS B 423 -4.25 -12.81 16.09
N CYS B 424 -4.75 -12.03 15.14
CA CYS B 424 -3.89 -11.19 14.31
C CYS B 424 -3.31 -10.11 15.21
N HIS B 425 -2.01 -9.85 15.10
CA HIS B 425 -1.36 -8.80 15.90
C HIS B 425 -1.25 -7.48 15.16
N LEU B 426 -1.96 -7.35 14.03
CA LEU B 426 -2.31 -6.04 13.49
C LEU B 426 -3.46 -5.61 14.38
N LEU B 427 -3.15 -4.70 15.31
CA LEU B 427 -4.00 -4.48 16.48
C LEU B 427 -5.42 -4.06 16.14
N GLU B 428 -5.56 -3.29 15.08
CA GLU B 428 -6.87 -2.84 14.65
C GLU B 428 -7.74 -4.01 14.16
N HIS B 429 -7.12 -5.06 13.62
CA HIS B 429 -7.87 -6.23 13.19
C HIS B 429 -8.33 -7.02 14.40
N GLU B 430 -7.44 -7.18 15.37
CA GLU B 430 -7.78 -7.80 16.65
C GLU B 430 -8.96 -7.10 17.30
N ASP B 431 -8.88 -5.77 17.43
CA ASP B 431 -9.91 -5.01 18.14
C ASP B 431 -11.27 -5.04 17.44
N THR B 432 -11.27 -5.29 16.13
CA THR B 432 -12.49 -5.37 15.34
C THR B 432 -12.92 -6.80 14.99
N GLY B 433 -12.35 -7.77 15.70
CA GLY B 433 -12.92 -9.12 15.74
C GLY B 433 -12.00 -10.27 15.38
N MET B 434 -10.80 -10.00 14.90
CA MET B 434 -9.94 -11.07 14.41
C MET B 434 -9.16 -11.68 15.57
N MET B 435 -9.91 -12.31 16.46
CA MET B 435 -9.36 -12.94 17.64
C MET B 435 -10.30 -14.05 18.07
N LEU B 436 -9.74 -15.11 18.63
CA LEU B 436 -10.50 -16.16 19.26
C LEU B 436 -9.91 -16.43 20.63
N GLY B 437 -10.78 -16.83 21.56
CA GLY B 437 -10.34 -17.36 22.85
C GLY B 437 -10.34 -18.89 22.77
N PHE B 438 -9.40 -19.50 23.46
CA PHE B 438 -9.38 -20.95 23.57
C PHE B 438 -8.94 -21.34 24.97
N THR B 439 -9.46 -22.46 25.44
CA THR B 439 -9.05 -23.01 26.72
C THR B 439 -8.00 -24.08 26.49
N VAL B 440 -7.24 -24.37 27.56
CA VAL B 440 -6.32 -25.50 27.57
C VAL B 440 -6.64 -26.29 28.82
N GLY B 441 -6.86 -27.59 28.64
CA GLY B 441 -7.19 -28.47 29.75
C GLY B 441 -6.58 -29.83 29.53
N HIS B 442 -7.00 -30.77 30.36
CA HIS B 442 -6.37 -32.07 30.42
C HIS B 442 -7.41 -33.09 30.83
N HIS B 443 -7.07 -34.38 30.70
CA HIS B 443 -7.99 -35.44 31.05
C HIS B 443 -8.09 -35.56 32.56
N HIS B 444 -9.16 -36.19 33.01
CA HIS B 444 -9.30 -36.52 34.41
C HIS B 444 -9.77 -37.95 34.52
N HIS B 445 -9.78 -38.46 35.74
CA HIS B 445 -10.21 -39.82 36.02
C HIS B 445 -11.45 -39.82 36.90
N HIS B 446 -12.04 -38.64 37.10
CA HIS B 446 -13.32 -38.48 37.81
C HIS B 446 -14.49 -38.39 36.82
CU CU C . -10.49 9.92 -6.12
CU CU D . -13.34 12.29 -20.37
CU CU E . -30.21 16.02 -27.43
N NO3 F . 1.37 0.93 -0.09
O1 NO3 F . 1.41 0.28 -1.30
O2 NO3 F . 2.57 1.23 0.55
O3 NO3 F . 0.13 1.30 0.42
CU2 C2O G . -15.04 10.65 -17.72
CU3 C2O G . -11.81 8.96 -18.97
O1 C2O G . -13.42 10.12 -18.71
CU CU H . -5.02 -9.07 10.41
CU CU I . 0.64 -12.68 23.53
CU CU J . -7.36 -31.05 36.48
CU2 C2O K . -2.24 -10.98 22.37
CU3 C2O K . 1.04 -9.06 21.89
O1 C2O K . -0.38 -10.30 22.32
#